data_3U02
#
_entry.id   3U02
#
_cell.length_a   61.147
_cell.length_b   135.805
_cell.length_c   77.269
_cell.angle_alpha   90.00
_cell.angle_beta   93.76
_cell.angle_gamma   90.00
#
_symmetry.space_group_name_H-M   'P 1 21 1'
#
loop_
_entity.id
_entity.type
_entity.pdbx_description
1 polymer 'Putative transcription-associated protein TFIIS'
2 non-polymer 'SULFATE ION'
3 non-polymer 'CITRIC ACID'
4 non-polymer '2-(N-MORPHOLINO)-ETHANESULFONIC ACID'
5 non-polymer 'ACETIC ACID'
6 water water
#
_entity_poly.entity_id   1
_entity_poly.type   'polypeptide(L)'
_entity_poly.pdbx_seq_one_letter_code
;(MSE)LIHIGIDDTDSPNG(MSE)C(TPO)TYIGAILYREISKIAEPLDFPRLIRLNPNVPYKTRGNGAVA(MSE)SFKI
DEEKIKEVKTLVIRYVRELADIDHENTNPGIVFLIGEVPKELEEFSLRALREHVTIEEAEHVARKVNAEVYKFKLGRGII
GGLAAIGYPLEKFTYELLAYRKREYWGTPRRVIKESVFYADKWSYPFTYDNVDPYKRTVLITPHGKDPVLVGIRGIDVGK
ILQVFE(MSE)IKIEEPIEFFQVYKTNQNTDD
;
_entity_poly.pdbx_strand_id   A,B,C,D
#
loop_
_chem_comp.id
_chem_comp.type
_chem_comp.name
_chem_comp.formula
ACY non-polymer 'ACETIC ACID' 'C2 H4 O2'
CIT non-polymer 'CITRIC ACID' 'C6 H8 O7'
MES non-polymer '2-(N-MORPHOLINO)-ETHANESULFONIC ACID' 'C6 H13 N O4 S'
SO4 non-polymer 'SULFATE ION' 'O4 S -2'
#
# COMPACT_ATOMS: atom_id res chain seq x y z
N MSE A 1 -17.22 11.93 17.88
CA MSE A 1 -18.59 11.81 17.38
C MSE A 1 -18.67 11.88 15.86
O MSE A 1 -18.20 12.83 15.24
CB MSE A 1 -19.48 12.90 17.98
CG MSE A 1 -20.89 12.92 17.38
SE MSE A 1 -22.29 13.55 18.60
CE MSE A 1 -21.97 12.38 20.14
N LEU A 2 -19.28 10.86 15.25
CA LEU A 2 -19.44 10.83 13.80
C LEU A 2 -20.67 11.63 13.36
N ILE A 3 -20.47 12.48 12.36
CA ILE A 3 -21.57 13.03 11.57
C ILE A 3 -21.34 12.69 10.08
N HIS A 4 -22.40 12.29 9.38
CA HIS A 4 -22.31 11.99 7.95
C HIS A 4 -23.19 12.93 7.16
N ILE A 5 -22.75 13.26 5.94
CA ILE A 5 -23.48 14.17 5.07
C ILE A 5 -23.69 13.53 3.71
N GLY A 6 -24.94 13.47 3.27
CA GLY A 6 -25.27 12.97 1.96
C GLY A 6 -25.84 14.08 1.11
N ILE A 7 -25.37 14.18 -0.12
CA ILE A 7 -25.91 15.16 -1.06
C ILE A 7 -26.37 14.41 -2.30
N ASP A 8 -27.58 14.71 -2.75
CA ASP A 8 -28.09 14.08 -3.96
C ASP A 8 -29.09 15.01 -4.65
N ASP A 9 -28.96 15.13 -5.97
CA ASP A 9 -29.76 16.07 -6.74
C ASP A 9 -30.39 15.38 -7.96
N THR A 10 -31.34 14.47 -7.73
CA THR A 10 -31.93 13.67 -8.82
C THR A 10 -33.10 14.34 -9.53
N ASP A 11 -34.13 14.73 -8.78
CA ASP A 11 -35.27 15.41 -9.39
C ASP A 11 -34.84 16.78 -9.89
N SER A 12 -33.54 16.92 -10.14
CA SER A 12 -33.02 18.14 -10.75
C SER A 12 -32.64 17.83 -12.19
N PRO A 13 -33.61 17.94 -13.11
CA PRO A 13 -33.30 17.71 -14.53
C PRO A 13 -32.08 18.55 -14.89
N ASN A 14 -31.07 17.92 -15.49
CA ASN A 14 -29.76 18.52 -15.64
C ASN A 14 -29.01 18.45 -14.30
N GLY A 15 -28.36 19.54 -13.93
CA GLY A 15 -27.59 19.60 -12.69
C GLY A 15 -26.10 19.65 -12.94
N MSE A 16 -25.47 18.47 -12.96
CA MSE A 16 -24.05 18.35 -13.29
C MSE A 16 -23.07 18.77 -12.18
O MSE A 16 -21.90 18.40 -12.20
CB MSE A 16 -23.72 19.10 -14.59
CG MSE A 16 -23.57 18.19 -15.81
SE MSE A 16 -23.10 19.17 -17.43
CE MSE A 16 -23.17 17.71 -18.71
N CYS A 17 -23.55 19.54 -11.21
CA CYS A 17 -22.68 20.12 -10.20
C CYS A 17 -22.56 19.34 -8.90
N TPO A 18 -23.14 18.14 -8.86
CA TPO A 18 -23.20 17.36 -7.62
CB TPO A 18 -24.04 16.08 -7.83
CG2 TPO A 18 -24.22 15.33 -6.52
OG1 TPO A 18 -25.34 16.45 -8.32
P TPO A 18 -25.59 16.00 -9.86
O1P TPO A 18 -26.82 16.65 -10.37
O2P TPO A 18 -24.36 16.44 -10.81
O3P TPO A 18 -25.78 14.40 -9.92
C TPO A 18 -21.83 17.04 -7.01
O TPO A 18 -21.57 17.32 -5.83
N THR A 19 -20.93 16.44 -7.79
CA THR A 19 -19.59 16.10 -7.26
C THR A 19 -18.76 17.35 -6.98
N TYR A 20 -18.97 18.37 -7.80
CA TYR A 20 -18.35 19.67 -7.60
C TYR A 20 -18.75 20.24 -6.24
N ILE A 21 -20.04 20.25 -5.96
CA ILE A 21 -20.56 20.69 -4.66
C ILE A 21 -20.10 19.81 -3.48
N GLY A 22 -20.11 18.49 -3.68
CA GLY A 22 -19.62 17.57 -2.68
C GLY A 22 -18.15 17.81 -2.35
N ALA A 23 -17.37 18.16 -3.37
CA ALA A 23 -15.95 18.47 -3.19
C ALA A 23 -15.79 19.74 -2.35
N ILE A 24 -16.60 20.75 -2.64
CA ILE A 24 -16.52 21.99 -1.88
C ILE A 24 -16.88 21.74 -0.42
N LEU A 25 -17.86 20.88 -0.19
CA LEU A 25 -18.24 20.55 1.17
C LEU A 25 -17.11 19.83 1.90
N TYR A 26 -16.58 18.79 1.27
CA TYR A 26 -15.47 18.05 1.85
C TYR A 26 -14.32 18.99 2.23
N ARG A 27 -13.98 19.86 1.29
CA ARG A 27 -12.87 20.79 1.45
C ARG A 27 -13.12 21.78 2.58
N GLU A 28 -14.31 22.38 2.60
CA GLU A 28 -14.71 23.32 3.66
C GLU A 28 -14.87 22.73 5.06
N ILE A 29 -15.47 21.55 5.12
CA ILE A 29 -15.73 20.94 6.41
C ILE A 29 -14.43 20.41 7.01
N SER A 30 -13.45 20.11 6.15
CA SER A 30 -12.15 19.66 6.65
C SER A 30 -11.47 20.81 7.43
N LYS A 31 -11.97 22.02 7.26
CA LYS A 31 -11.48 23.13 8.05
C LYS A 31 -11.85 22.99 9.52
N ILE A 32 -12.97 22.32 9.80
CA ILE A 32 -13.49 22.29 11.19
C ILE A 32 -13.63 20.88 11.79
N ALA A 33 -13.74 19.87 10.93
CA ALA A 33 -13.91 18.50 11.39
C ALA A 33 -12.91 17.59 10.70
N GLU A 34 -12.75 16.40 11.24
CA GLU A 34 -11.73 15.46 10.78
C GLU A 34 -12.33 14.40 9.89
N PRO A 35 -11.94 14.38 8.61
CA PRO A 35 -12.58 13.41 7.74
C PRO A 35 -12.14 11.97 8.03
N LEU A 36 -13.05 11.02 7.83
CA LEU A 36 -12.73 9.61 8.01
C LEU A 36 -11.96 9.06 6.82
N ASP A 37 -12.25 9.60 5.64
CA ASP A 37 -11.70 9.08 4.42
C ASP A 37 -12.06 10.08 3.31
N PHE A 38 -11.51 9.87 2.12
CA PHE A 38 -11.93 10.63 0.95
C PHE A 38 -13.46 10.52 0.90
N PRO A 39 -14.15 11.53 0.35
CA PRO A 39 -15.60 11.45 0.15
C PRO A 39 -15.94 10.34 -0.84
N ARG A 40 -17.19 9.89 -0.81
CA ARG A 40 -17.62 8.77 -1.64
C ARG A 40 -18.66 9.19 -2.67
N LEU A 41 -18.49 8.66 -3.87
CA LEU A 41 -19.30 9.00 -5.00
C LEU A 41 -20.01 7.74 -5.42
N ILE A 42 -21.34 7.72 -5.25
CA ILE A 42 -22.12 6.50 -5.41
C ILE A 42 -23.13 6.58 -6.56
N ARG A 43 -23.02 5.65 -7.50
CA ARG A 43 -23.99 5.50 -8.57
C ARG A 43 -24.93 4.37 -8.20
N LEU A 44 -26.23 4.66 -8.20
CA LEU A 44 -27.26 3.68 -7.83
C LEU A 44 -27.47 2.64 -8.92
N ASN A 45 -27.59 3.10 -10.15
CA ASN A 45 -27.86 2.21 -11.28
C ASN A 45 -26.75 2.27 -12.33
N PRO A 46 -25.99 1.17 -12.46
CA PRO A 46 -24.82 1.11 -13.34
C PRO A 46 -25.17 1.09 -14.82
N ASN A 47 -26.46 1.05 -15.14
CA ASN A 47 -26.91 1.11 -16.53
C ASN A 47 -27.24 2.55 -16.96
N VAL A 48 -26.60 3.51 -16.29
CA VAL A 48 -26.78 4.94 -16.57
C VAL A 48 -28.24 5.34 -16.63
N GLY A 54 -29.71 11.74 -11.92
CA GLY A 54 -30.71 10.86 -11.32
C GLY A 54 -30.14 9.83 -10.36
N ASN A 55 -29.07 9.15 -10.78
CA ASN A 55 -28.54 8.08 -9.93
C ASN A 55 -27.13 8.32 -9.40
N GLY A 56 -26.77 9.59 -9.25
CA GLY A 56 -25.43 9.97 -8.80
C GLY A 56 -25.42 10.73 -7.49
N ALA A 57 -24.93 10.12 -6.42
CA ALA A 57 -24.98 10.79 -5.12
C ALA A 57 -23.62 10.86 -4.43
N VAL A 58 -23.49 11.79 -3.50
CA VAL A 58 -22.24 11.99 -2.79
C VAL A 58 -22.41 11.99 -1.27
N ALA A 59 -21.48 11.36 -0.57
CA ALA A 59 -21.48 11.40 0.89
C ALA A 59 -20.07 11.54 1.45
N MSE A 60 -19.97 11.78 2.76
CA MSE A 60 -18.70 11.98 3.46
C MSE A 60 -18.92 11.84 4.96
O MSE A 60 -20.01 12.07 5.45
CB MSE A 60 -18.14 13.37 3.14
CG MSE A 60 -19.00 14.51 3.64
SE MSE A 60 -18.65 16.16 2.61
CE MSE A 60 -19.42 15.56 0.87
N SER A 61 -17.87 11.48 5.68
CA SER A 61 -17.99 11.16 7.10
C SER A 61 -16.90 11.86 7.87
N PHE A 62 -17.30 12.53 8.94
CA PHE A 62 -16.39 13.34 9.73
C PHE A 62 -16.47 13.00 11.22
N LYS A 63 -15.35 13.15 11.90
CA LYS A 63 -15.30 13.07 13.34
C LYS A 63 -15.29 14.48 13.87
N ILE A 64 -16.01 14.69 14.95
CA ILE A 64 -16.26 16.02 15.45
C ILE A 64 -16.74 15.95 16.90
N ASP A 65 -16.61 17.04 17.64
CA ASP A 65 -17.11 17.02 19.00
C ASP A 65 -18.57 17.46 19.02
N GLU A 66 -19.30 16.97 20.03
CA GLU A 66 -20.72 17.26 20.20
C GLU A 66 -21.05 18.74 20.00
N GLU A 67 -20.21 19.62 20.53
CA GLU A 67 -20.41 21.06 20.42
C GLU A 67 -20.60 21.56 18.99
N LYS A 68 -19.96 20.89 18.02
CA LYS A 68 -19.88 21.44 16.66
C LYS A 68 -20.73 20.72 15.62
N ILE A 69 -21.59 19.80 16.05
CA ILE A 69 -22.52 19.17 15.12
C ILE A 69 -23.40 20.22 14.42
N LYS A 70 -23.96 21.14 15.20
CA LYS A 70 -24.86 22.13 14.64
C LYS A 70 -24.11 23.01 13.64
N GLU A 71 -22.89 23.37 14.01
CA GLU A 71 -22.04 24.18 13.16
C GLU A 71 -21.74 23.51 11.81
N VAL A 72 -21.52 22.21 11.82
CA VAL A 72 -21.29 21.50 10.57
C VAL A 72 -22.55 21.54 9.70
N LYS A 73 -23.70 21.28 10.31
CA LYS A 73 -24.96 21.29 9.56
C LYS A 73 -25.19 22.68 8.96
N THR A 74 -24.91 23.70 9.74
CA THR A 74 -25.18 25.07 9.30
C THR A 74 -24.28 25.42 8.14
N LEU A 75 -22.99 25.10 8.28
CA LEU A 75 -22.05 25.38 7.22
C LEU A 75 -22.47 24.68 5.93
N VAL A 76 -22.79 23.39 6.04
CA VAL A 76 -23.27 22.67 4.86
C VAL A 76 -24.46 23.34 4.20
N ILE A 77 -25.51 23.64 4.98
CA ILE A 77 -26.69 24.28 4.45
C ILE A 77 -26.31 25.58 3.72
N ARG A 78 -25.44 26.36 4.34
CA ARG A 78 -25.02 27.63 3.81
C ARG A 78 -24.30 27.49 2.47
N TYR A 79 -23.34 26.57 2.40
CA TYR A 79 -22.58 26.37 1.15
C TYR A 79 -23.46 25.88 0.00
N VAL A 80 -24.25 24.84 0.23
CA VAL A 80 -25.20 24.38 -0.78
C VAL A 80 -26.12 25.51 -1.26
N ARG A 81 -26.54 26.35 -0.33
CA ARG A 81 -27.41 27.48 -0.64
C ARG A 81 -26.66 28.46 -1.55
N GLU A 82 -25.48 28.89 -1.09
CA GLU A 82 -24.61 29.74 -1.89
C GLU A 82 -24.31 29.12 -3.26
N LEU A 83 -23.90 27.87 -3.26
CA LEU A 83 -23.54 27.19 -4.50
C LEU A 83 -24.75 26.96 -5.41
N ALA A 84 -25.91 26.69 -4.81
CA ALA A 84 -27.12 26.49 -5.59
C ALA A 84 -27.55 27.78 -6.27
N ASP A 85 -27.50 28.89 -5.54
CA ASP A 85 -27.99 30.16 -6.06
C ASP A 85 -27.08 30.71 -7.15
N ILE A 86 -26.40 29.79 -7.83
CA ILE A 86 -25.75 30.06 -9.10
C ILE A 86 -26.73 29.58 -10.18
N ASP A 87 -27.98 30.02 -10.03
CA ASP A 87 -29.04 29.75 -10.99
C ASP A 87 -29.35 28.26 -11.14
N PRO A 93 -29.83 20.42 -5.02
CA PRO A 93 -29.97 20.41 -3.55
C PRO A 93 -30.23 19.01 -3.03
N GLY A 94 -30.94 18.88 -1.92
CA GLY A 94 -31.17 17.58 -1.32
C GLY A 94 -30.05 17.18 -0.39
N ILE A 95 -30.28 17.33 0.92
CA ILE A 95 -29.25 17.12 1.93
C ILE A 95 -29.73 16.15 2.99
N VAL A 96 -28.88 15.21 3.38
CA VAL A 96 -29.19 14.28 4.45
C VAL A 96 -28.05 14.32 5.45
N PHE A 97 -28.40 14.36 6.73
CA PHE A 97 -27.43 14.27 7.80
C PHE A 97 -27.68 12.99 8.60
N LEU A 98 -26.61 12.40 9.12
CA LEU A 98 -26.74 11.30 10.07
C LEU A 98 -25.64 11.43 11.10
N ILE A 99 -26.03 11.36 12.37
CA ILE A 99 -25.12 11.43 13.48
C ILE A 99 -24.86 10.01 14.02
N GLY A 100 -23.64 9.72 14.45
CA GLY A 100 -23.34 8.41 14.99
C GLY A 100 -23.00 7.36 13.95
N GLU A 101 -22.72 6.14 14.39
CA GLU A 101 -22.37 5.06 13.46
C GLU A 101 -23.49 4.81 12.45
N VAL A 102 -23.13 4.35 11.25
CA VAL A 102 -24.14 3.86 10.31
C VAL A 102 -24.67 2.49 10.74
N PRO A 103 -25.97 2.39 11.01
CA PRO A 103 -26.59 1.15 11.48
C PRO A 103 -26.79 0.14 10.36
N LYS A 104 -26.94 -1.13 10.74
CA LYS A 104 -27.10 -2.23 9.80
C LYS A 104 -28.17 -1.95 8.74
N GLU A 105 -29.31 -1.46 9.19
CA GLU A 105 -30.46 -1.21 8.32
C GLU A 105 -30.17 -0.20 7.19
N LEU A 106 -29.43 0.87 7.49
CA LEU A 106 -29.09 1.88 6.48
C LEU A 106 -28.06 1.30 5.52
N GLU A 107 -27.12 0.53 6.05
CA GLU A 107 -26.15 -0.16 5.20
C GLU A 107 -26.87 -1.15 4.29
N GLU A 108 -27.78 -1.93 4.87
CA GLU A 108 -28.55 -2.86 4.05
C GLU A 108 -29.36 -2.11 2.99
N PHE A 109 -29.90 -0.95 3.37
CA PHE A 109 -30.67 -0.17 2.42
C PHE A 109 -29.80 0.28 1.24
N SER A 110 -28.59 0.73 1.54
CA SER A 110 -27.66 1.17 0.52
C SER A 110 -27.38 0.06 -0.51
N LEU A 111 -27.12 -1.14 -0.02
CA LEU A 111 -26.85 -2.28 -0.88
C LEU A 111 -28.04 -2.62 -1.75
N ARG A 112 -29.24 -2.60 -1.15
CA ARG A 112 -30.49 -2.80 -1.87
C ARG A 112 -30.70 -1.76 -3.00
N ALA A 113 -30.50 -0.49 -2.68
CA ALA A 113 -30.60 0.59 -3.67
C ALA A 113 -29.61 0.39 -4.82
N LEU A 114 -28.43 -0.16 -4.53
CA LEU A 114 -27.47 -0.40 -5.60
C LEU A 114 -27.87 -1.55 -6.50
N ARG A 115 -28.76 -2.42 -6.04
CA ARG A 115 -29.09 -3.62 -6.82
C ARG A 115 -30.55 -3.73 -7.29
N GLU A 116 -31.39 -2.76 -6.96
CA GLU A 116 -32.77 -2.81 -7.41
C GLU A 116 -33.50 -1.49 -7.22
N HIS A 117 -34.69 -1.41 -7.80
CA HIS A 117 -35.48 -0.21 -7.66
C HIS A 117 -36.04 -0.15 -6.25
N VAL A 118 -35.91 1.02 -5.62
CA VAL A 118 -36.46 1.25 -4.31
C VAL A 118 -37.40 2.45 -4.41
N THR A 119 -38.36 2.51 -3.49
CA THR A 119 -39.36 3.56 -3.48
C THR A 119 -38.98 4.65 -2.49
N ILE A 120 -39.57 5.82 -2.65
CA ILE A 120 -39.46 6.90 -1.68
C ILE A 120 -40.00 6.47 -0.31
N GLU A 121 -41.07 5.67 -0.28
CA GLU A 121 -41.60 5.18 0.98
C GLU A 121 -40.59 4.30 1.75
N GLU A 122 -39.85 3.46 1.04
CA GLU A 122 -38.82 2.66 1.66
C GLU A 122 -37.73 3.53 2.30
N ALA A 123 -37.33 4.58 1.59
CA ALA A 123 -36.30 5.51 2.10
C ALA A 123 -36.79 6.26 3.34
N GLU A 124 -38.03 6.72 3.32
CA GLU A 124 -38.59 7.41 4.49
C GLU A 124 -38.58 6.48 5.68
N HIS A 125 -39.02 5.25 5.47
CA HIS A 125 -38.96 4.22 6.51
C HIS A 125 -37.55 4.12 7.12
N VAL A 126 -36.54 3.88 6.28
CA VAL A 126 -35.18 3.75 6.78
C VAL A 126 -34.75 5.03 7.50
N ALA A 127 -35.00 6.19 6.90
CA ALA A 127 -34.61 7.48 7.48
C ALA A 127 -35.21 7.72 8.85
N ARG A 128 -36.45 7.32 9.04
CA ARG A 128 -37.08 7.50 10.33
C ARG A 128 -36.52 6.51 11.34
N LYS A 129 -36.35 5.25 10.93
CA LYS A 129 -35.72 4.24 11.78
C LYS A 129 -34.30 4.58 12.24
N VAL A 130 -33.48 5.20 11.40
CA VAL A 130 -32.10 5.42 11.84
C VAL A 130 -31.91 6.85 12.27
N ASN A 131 -33.00 7.60 12.25
CA ASN A 131 -32.96 8.97 12.68
C ASN A 131 -32.08 9.87 11.82
N ALA A 132 -32.12 9.68 10.52
CA ALA A 132 -31.47 10.63 9.61
C ALA A 132 -32.33 11.88 9.45
N GLU A 133 -31.66 13.02 9.33
CA GLU A 133 -32.34 14.26 9.07
C GLU A 133 -32.29 14.58 7.57
N VAL A 134 -33.45 14.46 6.96
CA VAL A 134 -33.61 14.83 5.57
C VAL A 134 -33.99 16.30 5.58
N TYR A 135 -33.03 17.16 5.28
CA TYR A 135 -33.22 18.57 5.50
C TYR A 135 -34.12 19.13 4.44
N LYS A 136 -35.19 19.79 4.88
CA LYS A 136 -36.17 20.37 3.98
C LYS A 136 -36.44 19.45 2.80
N PHE A 137 -37.06 18.31 3.08
CA PHE A 137 -37.48 17.37 2.05
C PHE A 137 -38.53 18.02 1.15
N LYS A 138 -38.43 17.76 -0.15
CA LYS A 138 -39.39 18.31 -1.12
C LYS A 138 -40.12 17.18 -1.86
N LEU A 139 -40.24 16.04 -1.18
CA LEU A 139 -40.96 14.89 -1.71
C LEU A 139 -40.35 14.27 -2.96
N GLY A 140 -39.04 14.41 -3.13
CA GLY A 140 -38.40 13.84 -4.31
C GLY A 140 -37.75 12.50 -4.07
N ARG A 141 -37.20 11.92 -5.12
CA ARG A 141 -36.45 10.67 -5.02
C ARG A 141 -35.04 10.93 -4.53
N GLY A 142 -34.67 12.18 -4.37
CA GLY A 142 -33.32 12.51 -3.98
C GLY A 142 -32.92 11.92 -2.63
N ILE A 143 -33.92 11.69 -1.79
CA ILE A 143 -33.74 11.10 -0.47
C ILE A 143 -33.13 9.70 -0.56
N ILE A 144 -33.43 8.99 -1.62
CA ILE A 144 -32.91 7.64 -1.81
C ILE A 144 -31.39 7.63 -2.01
N GLY A 145 -30.90 8.49 -2.90
CA GLY A 145 -29.48 8.57 -3.19
C GLY A 145 -28.71 9.09 -2.00
N GLY A 146 -29.23 10.12 -1.35
CA GLY A 146 -28.57 10.66 -0.18
C GLY A 146 -28.38 9.60 0.90
N LEU A 147 -29.39 8.76 1.12
CA LEU A 147 -29.30 7.72 2.15
C LEU A 147 -28.36 6.62 1.70
N ALA A 148 -28.52 6.19 0.46
CA ALA A 148 -27.67 5.14 -0.11
C ALA A 148 -26.20 5.55 -0.09
N ALA A 149 -25.92 6.82 -0.37
CA ALA A 149 -24.53 7.28 -0.37
C ALA A 149 -23.96 7.22 1.04
N ILE A 150 -24.75 7.69 2.01
CA ILE A 150 -24.29 7.68 3.40
C ILE A 150 -24.03 6.25 3.86
N GLY A 151 -24.90 5.34 3.47
CA GLY A 151 -24.85 3.99 3.96
C GLY A 151 -23.94 3.03 3.21
N TYR A 152 -23.29 3.49 2.14
CA TYR A 152 -22.43 2.58 1.35
C TYR A 152 -21.09 2.23 2.02
N PRO A 153 -20.86 0.93 2.22
CA PRO A 153 -19.59 0.55 2.84
C PRO A 153 -18.48 0.43 1.78
N LEU A 154 -17.39 1.17 1.96
CA LEU A 154 -16.27 1.16 0.99
C LEU A 154 -15.40 -0.09 1.09
N GLU A 155 -16.01 -1.28 0.97
CA GLU A 155 -15.23 -2.50 0.95
C GLU A 155 -14.67 -2.69 -0.46
N LYS A 156 -15.57 -2.72 -1.43
CA LYS A 156 -15.21 -2.72 -2.84
C LYS A 156 -15.38 -1.30 -3.39
N PHE A 157 -14.31 -0.76 -3.97
CA PHE A 157 -14.37 0.57 -4.56
C PHE A 157 -13.17 0.82 -5.45
N THR A 158 -13.25 1.92 -6.17
CA THR A 158 -12.12 2.40 -6.93
C THR A 158 -11.89 3.86 -6.58
N TYR A 159 -10.69 4.36 -6.85
CA TYR A 159 -10.46 5.77 -6.65
C TYR A 159 -10.89 6.49 -7.90
N GLU A 160 -11.41 7.69 -7.73
CA GLU A 160 -11.77 8.50 -8.87
C GLU A 160 -11.34 9.93 -8.56
N LEU A 161 -10.36 10.40 -9.32
CA LEU A 161 -9.83 11.74 -9.16
C LEU A 161 -10.48 12.60 -10.22
N LEU A 162 -11.03 13.73 -9.81
CA LEU A 162 -11.71 14.59 -10.78
C LEU A 162 -11.14 15.99 -10.68
N ALA A 163 -10.71 16.54 -11.79
CA ALA A 163 -10.23 17.91 -11.84
C ALA A 163 -11.36 18.84 -12.28
N TYR A 164 -11.55 19.93 -11.55
CA TYR A 164 -12.66 20.84 -11.84
C TYR A 164 -12.23 22.14 -12.50
N ARG A 165 -13.00 22.57 -13.50
CA ARG A 165 -12.70 23.80 -14.25
C ARG A 165 -13.22 25.03 -13.53
N LYS A 166 -12.48 26.13 -13.64
CA LYS A 166 -12.96 27.44 -13.19
C LYS A 166 -14.24 27.74 -13.92
N ARG A 167 -15.14 28.44 -13.26
CA ARG A 167 -16.48 28.71 -13.76
C ARG A 167 -16.40 29.41 -15.12
N GLU A 168 -15.42 30.28 -15.26
CA GLU A 168 -15.28 31.08 -16.47
C GLU A 168 -15.02 30.17 -17.67
N TYR A 169 -14.56 28.95 -17.42
CA TYR A 169 -14.24 28.05 -18.51
C TYR A 169 -15.37 27.07 -18.85
N TRP A 170 -16.42 27.02 -18.04
CA TRP A 170 -17.49 26.04 -18.25
C TRP A 170 -18.08 26.18 -19.64
N GLY A 171 -18.33 25.06 -20.31
CA GLY A 171 -18.88 25.08 -21.66
C GLY A 171 -17.94 25.70 -22.70
N THR A 172 -16.68 25.82 -22.33
CA THR A 172 -15.62 26.27 -23.23
C THR A 172 -14.89 25.05 -23.77
N PRO A 173 -14.25 25.16 -24.93
CA PRO A 173 -13.45 24.07 -25.49
C PRO A 173 -12.38 23.56 -24.52
N ARG A 174 -12.30 22.25 -24.35
CA ARG A 174 -11.44 21.66 -23.33
C ARG A 174 -9.97 21.69 -23.72
N ARG A 175 -9.15 22.14 -22.79
CA ARG A 175 -7.72 22.30 -22.99
C ARG A 175 -6.98 21.23 -22.20
N VAL A 176 -7.00 20.01 -22.73
CA VAL A 176 -6.23 18.92 -22.14
C VAL A 176 -5.62 18.06 -23.23
N ILE A 177 -4.40 17.62 -22.99
CA ILE A 177 -3.73 16.74 -23.93
C ILE A 177 -3.42 15.39 -23.28
N LYS A 178 -4.07 14.36 -23.81
CA LYS A 178 -3.78 12.99 -23.45
C LYS A 178 -2.49 12.62 -24.16
N GLU A 179 -1.46 12.33 -23.37
CA GLU A 179 -0.17 11.96 -23.93
C GLU A 179 0.09 10.48 -23.72
N SER A 180 0.45 9.80 -24.81
CA SER A 180 0.71 8.37 -24.78
C SER A 180 2.10 8.07 -24.23
N VAL A 181 2.16 7.63 -22.97
CA VAL A 181 3.44 7.27 -22.36
C VAL A 181 3.35 5.91 -21.69
N PHE A 182 4.50 5.30 -21.44
CA PHE A 182 4.57 4.12 -20.59
C PHE A 182 4.54 4.54 -19.11
N TYR A 183 3.99 3.68 -18.25
CA TYR A 183 3.99 3.91 -16.81
C TYR A 183 4.87 2.86 -16.14
N ALA A 184 5.22 3.09 -14.88
CA ALA A 184 6.03 2.15 -14.11
C ALA A 184 5.18 1.05 -13.50
N ASP A 185 5.33 -0.17 -14.01
CA ASP A 185 4.54 -1.32 -13.59
C ASP A 185 5.43 -2.44 -13.02
N LYS A 186 5.29 -2.72 -11.74
CA LYS A 186 6.07 -3.76 -11.12
C LYS A 186 5.91 -5.12 -11.80
N TRP A 187 4.68 -5.46 -12.18
CA TRP A 187 4.40 -6.79 -12.69
C TRP A 187 5.23 -7.14 -13.94
N SER A 188 5.65 -6.12 -14.69
CA SER A 188 6.26 -6.36 -16.00
C SER A 188 7.78 -6.37 -15.93
N TYR A 189 8.33 -6.19 -14.74
CA TYR A 189 9.76 -6.27 -14.57
C TYR A 189 10.44 -7.46 -15.28
N PRO A 190 9.90 -8.68 -15.11
CA PRO A 190 10.56 -9.86 -15.71
C PRO A 190 10.25 -10.02 -17.20
N PHE A 191 9.47 -9.11 -17.74
CA PHE A 191 9.09 -9.19 -19.14
C PHE A 191 9.99 -8.32 -20.00
N THR A 192 10.10 -8.70 -21.25
CA THR A 192 10.84 -7.90 -22.22
C THR A 192 10.14 -6.54 -22.43
N TYR A 193 10.90 -5.55 -22.85
CA TYR A 193 10.37 -4.23 -23.16
C TYR A 193 9.09 -4.28 -23.99
N ASP A 194 9.15 -4.93 -25.14
CA ASP A 194 7.94 -5.02 -25.94
C ASP A 194 7.04 -6.13 -25.38
N ASN A 195 6.05 -5.73 -24.59
CA ASN A 195 5.19 -6.71 -23.92
C ASN A 195 3.73 -6.29 -23.85
N VAL A 196 2.85 -7.19 -24.28
CA VAL A 196 1.43 -6.92 -24.22
C VAL A 196 0.98 -6.63 -22.79
N ASP A 197 0.26 -5.53 -22.62
CA ASP A 197 -0.36 -5.21 -21.35
C ASP A 197 -1.78 -5.78 -21.34
N PRO A 198 -2.02 -6.87 -20.59
CA PRO A 198 -3.31 -7.58 -20.66
C PRO A 198 -4.53 -6.75 -20.21
N TYR A 199 -4.46 -6.02 -19.10
CA TYR A 199 -5.59 -5.19 -18.65
C TYR A 199 -5.23 -3.72 -18.51
N LYS A 200 -6.22 -2.86 -18.67
CA LYS A 200 -6.05 -1.44 -18.35
C LYS A 200 -6.84 -1.21 -17.06
N ARG A 201 -6.14 -1.01 -15.96
CA ARG A 201 -6.82 -0.87 -14.69
C ARG A 201 -7.04 0.60 -14.31
N THR A 202 -6.44 1.49 -15.08
CA THR A 202 -6.53 2.93 -14.80
C THR A 202 -6.99 3.61 -16.07
N VAL A 203 -8.06 4.40 -15.96
CA VAL A 203 -8.64 5.00 -17.15
C VAL A 203 -8.99 6.47 -16.94
N LEU A 204 -9.08 7.19 -18.05
CA LEU A 204 -9.42 8.60 -18.05
C LEU A 204 -10.92 8.75 -18.14
N ILE A 205 -11.43 9.80 -17.51
CA ILE A 205 -12.78 10.25 -17.77
C ILE A 205 -12.66 11.55 -18.53
N THR A 206 -13.30 11.62 -19.69
CA THR A 206 -13.16 12.79 -20.54
C THR A 206 -14.55 13.30 -20.90
N PRO A 207 -15.09 14.17 -20.05
CA PRO A 207 -16.40 14.79 -20.27
C PRO A 207 -16.35 15.75 -21.45
N HIS A 208 -17.53 16.10 -21.96
CA HIS A 208 -17.65 17.12 -23.00
C HIS A 208 -18.78 18.09 -22.66
N GLY A 209 -18.69 19.28 -23.23
CA GLY A 209 -19.73 20.28 -23.02
C GLY A 209 -19.61 20.99 -21.69
N LYS A 210 -20.76 21.38 -21.16
CA LYS A 210 -20.82 22.27 -20.01
C LYS A 210 -20.48 21.63 -18.67
N ASP A 211 -20.26 20.32 -18.65
CA ASP A 211 -19.81 19.63 -17.44
C ASP A 211 -18.62 20.36 -16.81
N PRO A 212 -18.70 20.65 -15.50
CA PRO A 212 -17.61 21.37 -14.85
C PRO A 212 -16.35 20.54 -14.65
N VAL A 213 -16.46 19.20 -14.76
CA VAL A 213 -15.28 18.37 -14.70
C VAL A 213 -14.42 18.59 -15.95
N LEU A 214 -13.16 18.99 -15.73
CA LEU A 214 -12.20 19.12 -16.82
C LEU A 214 -11.83 17.74 -17.33
N VAL A 215 -11.41 16.88 -16.41
CA VAL A 215 -10.90 15.58 -16.77
C VAL A 215 -10.85 14.76 -15.49
N GLY A 216 -10.93 13.44 -15.61
CA GLY A 216 -10.88 12.59 -14.44
C GLY A 216 -10.11 11.32 -14.69
N ILE A 217 -9.84 10.60 -13.61
CA ILE A 217 -9.08 9.35 -13.70
C ILE A 217 -9.70 8.38 -12.73
N ARG A 218 -9.94 7.16 -13.19
CA ARG A 218 -10.49 6.13 -12.33
C ARG A 218 -9.51 4.97 -12.22
N GLY A 219 -9.24 4.51 -11.00
CA GLY A 219 -8.36 3.38 -10.85
C GLY A 219 -8.35 2.74 -9.49
N ILE A 220 -7.55 1.69 -9.32
CA ILE A 220 -7.52 0.95 -8.07
C ILE A 220 -6.31 1.28 -7.20
N ASP A 221 -5.31 1.94 -7.78
CA ASP A 221 -4.08 2.18 -7.03
C ASP A 221 -3.67 3.65 -7.10
N VAL A 222 -3.41 4.27 -5.94
CA VAL A 222 -3.15 5.71 -5.92
C VAL A 222 -1.81 6.08 -6.55
N GLY A 223 -0.81 5.23 -6.35
CA GLY A 223 0.47 5.41 -7.03
C GLY A 223 0.29 5.53 -8.53
N LYS A 224 -0.45 4.58 -9.10
CA LYS A 224 -0.76 4.60 -10.53
C LYS A 224 -1.64 5.80 -10.94
N ILE A 225 -2.54 6.24 -10.07
CA ILE A 225 -3.39 7.39 -10.36
C ILE A 225 -2.53 8.65 -10.50
N LEU A 226 -1.57 8.77 -9.58
CA LEU A 226 -0.64 9.89 -9.55
C LEU A 226 0.29 9.92 -10.77
N GLN A 227 0.76 8.74 -11.20
CA GLN A 227 1.59 8.65 -12.43
C GLN A 227 0.78 9.21 -13.60
N VAL A 228 -0.48 8.79 -13.68
CA VAL A 228 -1.30 9.22 -14.79
C VAL A 228 -1.59 10.71 -14.70
N PHE A 229 -1.97 11.16 -13.51
CA PHE A 229 -2.33 12.54 -13.28
C PHE A 229 -1.19 13.52 -13.61
N GLU A 230 0.03 13.24 -13.15
CA GLU A 230 1.17 14.13 -13.41
C GLU A 230 1.51 14.26 -14.88
N MSE A 231 1.18 13.22 -15.62
CA MSE A 231 1.54 13.10 -17.04
C MSE A 231 0.49 13.77 -17.92
O MSE A 231 0.73 14.05 -19.08
CB MSE A 231 1.72 11.62 -17.41
CG MSE A 231 2.68 11.34 -18.52
SE MSE A 231 4.51 11.91 -18.10
CE MSE A 231 5.09 10.49 -16.89
N ILE A 232 -0.69 14.02 -17.37
CA ILE A 232 -1.72 14.71 -18.14
C ILE A 232 -1.35 16.17 -18.38
N LYS A 233 -1.33 16.59 -19.64
CA LYS A 233 -1.09 17.99 -19.96
C LYS A 233 -2.35 18.83 -19.77
N ILE A 234 -2.38 19.60 -18.69
CA ILE A 234 -3.51 20.48 -18.41
C ILE A 234 -3.17 21.89 -18.85
N GLU A 235 -3.84 22.36 -19.90
CA GLU A 235 -3.54 23.64 -20.51
C GLU A 235 -4.34 24.80 -19.92
N GLU A 236 -5.42 24.50 -19.22
CA GLU A 236 -6.15 25.54 -18.50
C GLU A 236 -5.95 25.36 -17.01
N PRO A 237 -5.92 26.48 -16.27
CA PRO A 237 -5.80 26.38 -14.82
C PRO A 237 -7.13 25.87 -14.25
N ILE A 238 -7.09 24.94 -13.31
CA ILE A 238 -8.30 24.37 -12.75
C ILE A 238 -8.65 25.00 -11.40
N GLU A 239 -9.92 24.94 -11.02
CA GLU A 239 -10.33 25.43 -9.72
C GLU A 239 -9.66 24.60 -8.63
N PHE A 240 -9.76 23.29 -8.75
CA PHE A 240 -9.20 22.37 -7.79
C PHE A 240 -9.44 20.97 -8.31
N PHE A 241 -8.84 19.97 -7.68
CA PHE A 241 -9.21 18.61 -7.97
C PHE A 241 -9.62 17.93 -6.65
N GLN A 242 -10.42 16.89 -6.74
CA GLN A 242 -10.83 16.13 -5.56
C GLN A 242 -10.71 14.66 -5.84
N VAL A 243 -10.19 13.92 -4.86
CA VAL A 243 -10.16 12.47 -4.90
C VAL A 243 -11.39 11.90 -4.18
N TYR A 244 -12.11 11.03 -4.88
CA TYR A 244 -13.29 10.36 -4.37
C TYR A 244 -13.00 8.87 -4.37
N LYS A 245 -13.63 8.13 -3.46
CA LYS A 245 -13.77 6.69 -3.64
C LYS A 245 -15.20 6.45 -4.14
N THR A 246 -15.35 5.53 -5.08
CA THR A 246 -16.65 5.30 -5.68
C THR A 246 -16.94 3.79 -5.83
N ASN A 247 -18.23 3.44 -5.94
CA ASN A 247 -18.63 2.05 -6.12
C ASN A 247 -18.55 1.60 -7.58
N GLN A 248 -18.26 2.52 -8.47
CA GLN A 248 -18.10 2.16 -9.88
C GLN A 248 -16.76 1.44 -10.13
N ASN A 249 -16.61 0.87 -11.32
CA ASN A 249 -15.34 0.25 -11.72
C ASN A 249 -14.84 0.82 -13.04
N THR A 250 -13.69 0.37 -13.50
CA THR A 250 -13.11 0.87 -14.77
C THR A 250 -13.68 0.19 -16.02
N MSE B 1 16.12 -4.06 -22.24
CA MSE B 1 17.40 -3.64 -21.67
C MSE B 1 17.24 -2.40 -20.80
O MSE B 1 16.37 -1.58 -21.07
CB MSE B 1 18.40 -3.34 -22.80
CG MSE B 1 19.73 -2.83 -22.30
SE MSE B 1 21.09 -3.23 -23.62
CE MSE B 1 20.94 -5.19 -23.57
N LEU B 2 18.07 -2.26 -19.79
CA LEU B 2 17.97 -1.14 -18.85
C LEU B 2 18.87 0.03 -19.25
N ILE B 3 18.32 1.23 -19.22
CA ILE B 3 19.19 2.41 -19.29
C ILE B 3 18.90 3.34 -18.13
N HIS B 4 19.97 3.79 -17.47
CA HIS B 4 19.84 4.76 -16.38
C HIS B 4 20.42 6.08 -16.88
N ILE B 5 19.75 7.18 -16.54
CA ILE B 5 20.22 8.51 -16.85
C ILE B 5 20.39 9.30 -15.57
N GLY B 6 21.52 9.96 -15.41
CA GLY B 6 21.74 10.78 -14.22
C GLY B 6 21.96 12.23 -14.63
N ILE B 7 21.53 13.17 -13.79
CA ILE B 7 21.75 14.58 -14.09
C ILE B 7 22.25 15.33 -12.87
N ASP B 8 23.27 16.18 -13.04
CA ASP B 8 23.70 17.06 -11.97
C ASP B 8 24.06 18.46 -12.49
N ASP B 9 24.15 19.43 -11.58
CA ASP B 9 24.38 20.83 -11.92
C ASP B 9 23.77 21.22 -13.27
N MSE B 16 17.41 24.25 -8.24
CA MSE B 16 16.92 25.07 -9.37
C MSE B 16 16.40 24.19 -10.52
O MSE B 16 15.33 23.52 -10.42
CB MSE B 16 18.02 25.99 -9.87
CG MSE B 16 17.65 27.48 -9.92
SE MSE B 16 17.26 28.23 -8.15
CE MSE B 16 17.24 30.14 -8.58
N CYS B 17 17.18 24.19 -11.60
CA CYS B 17 16.76 23.54 -12.83
C CYS B 17 17.07 22.04 -12.91
N TPO B 18 17.84 21.50 -11.98
CA TPO B 18 18.14 20.06 -12.01
CB TPO B 18 19.14 19.69 -10.90
CG2 TPO B 18 19.40 18.18 -10.93
OG1 TPO B 18 20.37 20.37 -11.11
P TPO B 18 20.63 21.38 -9.87
O1P TPO B 18 21.64 22.39 -10.25
O2P TPO B 18 19.30 22.18 -9.44
O3P TPO B 18 21.17 20.46 -8.64
C TPO B 18 16.88 19.18 -11.93
O TPO B 18 16.65 18.32 -12.80
N THR B 19 16.05 19.38 -10.90
CA THR B 19 14.81 18.61 -10.77
C THR B 19 13.81 18.94 -11.90
N TYR B 20 13.76 20.21 -12.28
CA TYR B 20 12.96 20.68 -13.40
C TYR B 20 13.33 19.96 -14.70
N ILE B 21 14.62 19.99 -15.04
CA ILE B 21 15.14 19.31 -16.21
C ILE B 21 14.96 17.80 -16.10
N GLY B 22 15.24 17.24 -14.92
CA GLY B 22 15.03 15.82 -14.69
C GLY B 22 13.60 15.38 -14.91
N ALA B 23 12.64 16.20 -14.49
CA ALA B 23 11.23 15.87 -14.65
C ALA B 23 10.85 15.83 -16.12
N ILE B 24 11.31 16.84 -16.86
CA ILE B 24 11.12 16.89 -18.31
C ILE B 24 11.75 15.68 -18.99
N LEU B 25 12.97 15.34 -18.59
CA LEU B 25 13.59 14.12 -19.11
C LEU B 25 12.73 12.90 -18.85
N TYR B 26 12.29 12.73 -17.61
CA TYR B 26 11.43 11.62 -17.25
C TYR B 26 10.12 11.58 -18.07
N ARG B 27 9.50 12.74 -18.28
CA ARG B 27 8.24 12.80 -19.02
C ARG B 27 8.44 12.45 -20.50
N GLU B 28 9.46 13.04 -21.12
CA GLU B 28 9.79 12.79 -22.51
C GLU B 28 10.22 11.35 -22.83
N ILE B 29 11.09 10.78 -21.99
CA ILE B 29 11.59 9.43 -22.25
C ILE B 29 10.47 8.39 -22.03
N SER B 30 9.48 8.72 -21.20
CA SER B 30 8.33 7.83 -20.98
C SER B 30 7.52 7.61 -22.26
N LYS B 31 7.66 8.51 -23.21
CA LYS B 31 7.00 8.36 -24.51
C LYS B 31 7.56 7.18 -25.31
N ILE B 32 8.78 6.75 -25.00
CA ILE B 32 9.42 5.74 -25.82
C ILE B 32 9.95 4.55 -25.01
N ALA B 33 10.21 4.79 -23.72
CA ALA B 33 10.74 3.74 -22.88
C ALA B 33 9.90 3.55 -21.61
N GLU B 34 9.99 2.37 -21.02
CA GLU B 34 9.17 2.04 -19.86
C GLU B 34 9.91 2.32 -18.57
N PRO B 35 9.42 3.29 -17.79
CA PRO B 35 10.19 3.66 -16.58
C PRO B 35 10.07 2.55 -15.54
N LEU B 36 11.10 2.38 -14.71
CA LEU B 36 11.08 1.37 -13.66
C LEU B 36 10.35 1.82 -12.39
N ASP B 37 10.32 3.13 -12.18
CA ASP B 37 9.81 3.69 -10.95
C ASP B 37 9.76 5.20 -11.19
N PHE B 38 9.18 5.95 -10.26
CA PHE B 38 9.33 7.39 -10.27
C PHE B 38 10.82 7.71 -10.30
N PRO B 39 11.20 8.86 -10.89
CA PRO B 39 12.59 9.33 -10.88
C PRO B 39 13.09 9.58 -9.45
N ARG B 40 14.39 9.53 -9.25
CA ARG B 40 14.95 9.68 -7.91
C ARG B 40 15.75 10.95 -7.74
N LEU B 41 15.54 11.57 -6.59
CA LEU B 41 16.18 12.82 -6.25
C LEU B 41 17.12 12.50 -5.12
N ILE B 42 18.41 12.70 -5.34
CA ILE B 42 19.40 12.25 -4.39
C ILE B 42 20.21 13.43 -3.85
N ARG B 43 20.14 13.64 -2.54
CA ARG B 43 20.94 14.67 -1.88
C ARG B 43 22.13 14.04 -1.15
N LEU B 44 23.35 14.54 -1.41
CA LEU B 44 24.56 13.90 -0.91
C LEU B 44 24.88 14.27 0.53
N ASN B 45 24.60 15.51 0.88
CA ASN B 45 24.89 15.99 2.23
C ASN B 45 23.69 16.74 2.79
N PRO B 46 23.13 16.23 3.90
CA PRO B 46 22.01 16.90 4.59
C PRO B 46 22.42 18.25 5.20
N ASN B 47 23.69 18.40 5.56
CA ASN B 47 24.19 19.64 6.13
C ASN B 47 24.48 20.69 5.06
N VAL B 48 23.96 20.46 3.86
CA VAL B 48 24.29 21.28 2.69
C VAL B 48 23.04 21.45 1.81
N PRO B 49 22.91 22.62 1.13
CA PRO B 49 21.69 22.91 0.36
C PRO B 49 21.52 22.06 -0.90
N TYR B 50 20.35 21.44 -1.08
CA TYR B 50 20.06 20.80 -2.36
C TYR B 50 19.77 21.86 -3.40
N LYS B 51 20.79 22.66 -3.71
CA LYS B 51 20.79 23.40 -4.94
C LYS B 51 21.83 22.65 -5.74
N THR B 52 22.59 23.41 -6.50
CA THR B 52 23.85 22.96 -7.03
C THR B 52 24.81 23.23 -5.85
N ARG B 53 26.10 22.92 -5.95
CA ARG B 53 26.73 22.33 -7.11
C ARG B 53 27.32 20.97 -6.72
N GLY B 54 26.81 19.91 -7.34
CA GLY B 54 27.27 18.56 -7.04
C GLY B 54 26.55 17.92 -5.88
N ASN B 55 25.85 18.73 -5.09
CA ASN B 55 25.14 18.23 -3.90
C ASN B 55 23.80 17.57 -4.19
N GLY B 56 23.03 18.16 -5.10
CA GLY B 56 21.72 17.62 -5.47
C GLY B 56 21.66 17.03 -6.86
N ALA B 57 21.35 15.74 -6.96
CA ALA B 57 21.29 15.11 -8.27
C ALA B 57 20.03 14.30 -8.50
N VAL B 58 19.78 13.99 -9.76
CA VAL B 58 18.58 13.28 -10.17
C VAL B 58 18.91 12.12 -11.09
N ALA B 59 18.25 10.98 -10.88
CA ALA B 59 18.40 9.89 -11.84
C ALA B 59 17.05 9.24 -12.13
N MSE B 60 17.05 8.31 -13.07
CA MSE B 60 15.88 7.58 -13.49
C MSE B 60 16.33 6.35 -14.28
O MSE B 60 17.42 6.32 -14.83
CB MSE B 60 15.00 8.45 -14.39
CG MSE B 60 15.75 8.97 -15.61
SE MSE B 60 14.93 10.55 -16.44
CE MSE B 60 16.48 11.20 -17.43
N SER B 61 15.47 5.36 -14.34
CA SER B 61 15.82 4.11 -14.97
C SER B 61 14.69 3.69 -15.89
N PHE B 62 15.05 3.27 -17.10
CA PHE B 62 14.07 2.88 -18.11
C PHE B 62 14.39 1.50 -18.68
N LYS B 63 13.34 0.81 -19.09
CA LYS B 63 13.49 -0.41 -19.85
C LYS B 63 13.22 -0.03 -21.29
N ILE B 64 14.11 -0.49 -22.17
CA ILE B 64 14.04 -0.20 -23.59
C ILE B 64 14.67 -1.38 -24.33
N ASP B 65 14.30 -1.62 -25.58
CA ASP B 65 14.96 -2.70 -26.33
C ASP B 65 16.32 -2.26 -26.88
N GLU B 66 17.25 -3.22 -26.97
CA GLU B 66 18.59 -2.95 -27.48
C GLU B 66 18.60 -1.97 -28.66
N GLU B 67 17.65 -2.15 -29.58
CA GLU B 67 17.58 -1.33 -30.79
C GLU B 67 17.47 0.18 -30.55
N LYS B 68 16.81 0.58 -29.46
CA LYS B 68 16.51 1.98 -29.25
C LYS B 68 17.37 2.65 -28.19
N ILE B 69 18.39 1.95 -27.69
CA ILE B 69 19.25 2.52 -26.66
C ILE B 69 19.85 3.86 -27.09
N LYS B 70 20.32 3.92 -28.32
CA LYS B 70 20.97 5.13 -28.83
C LYS B 70 19.94 6.25 -28.99
N GLU B 71 18.72 5.88 -29.36
CA GLU B 71 17.67 6.87 -29.51
C GLU B 71 17.43 7.55 -28.16
N VAL B 72 17.46 6.76 -27.10
CA VAL B 72 17.23 7.35 -25.79
C VAL B 72 18.32 8.37 -25.50
N LYS B 73 19.57 7.96 -25.68
CA LYS B 73 20.68 8.84 -25.35
C LYS B 73 20.56 10.12 -26.16
N THR B 74 20.30 9.96 -27.46
CA THR B 74 20.22 11.07 -28.38
C THR B 74 19.12 12.03 -27.99
N LEU B 75 17.94 11.49 -27.66
CA LEU B 75 16.84 12.34 -27.20
C LEU B 75 17.19 13.10 -25.93
N VAL B 76 17.79 12.40 -24.98
CA VAL B 76 18.18 13.00 -23.71
C VAL B 76 19.08 14.21 -23.96
N ILE B 77 20.07 14.03 -24.82
CA ILE B 77 21.00 15.11 -25.11
C ILE B 77 20.30 16.28 -25.79
N ARG B 78 19.48 15.99 -26.80
N ARG B 78 19.48 15.97 -26.79
CA ARG B 78 18.72 17.02 -27.49
CA ARG B 78 18.71 16.99 -27.50
C ARG B 78 17.88 17.81 -26.49
C ARG B 78 17.82 17.79 -26.55
N TYR B 79 17.15 17.09 -25.63
CA TYR B 79 16.26 17.73 -24.67
C TYR B 79 17.00 18.63 -23.69
N VAL B 80 18.13 18.17 -23.17
CA VAL B 80 18.95 18.98 -22.29
C VAL B 80 19.57 20.19 -23.02
N ARG B 81 19.94 19.99 -24.28
CA ARG B 81 20.49 21.06 -25.11
C ARG B 81 19.46 22.16 -25.30
N GLU B 82 18.24 21.76 -25.67
CA GLU B 82 17.15 22.70 -25.86
C GLU B 82 16.85 23.47 -24.58
N LEU B 83 16.79 22.76 -23.46
CA LEU B 83 16.45 23.41 -22.21
C LEU B 83 17.49 24.44 -21.88
N ALA B 84 18.73 24.15 -22.25
CA ALA B 84 19.81 25.12 -22.10
C ALA B 84 19.57 26.31 -23.02
N ASP B 85 19.11 26.04 -24.23
CA ASP B 85 18.90 27.09 -25.23
C ASP B 85 17.82 28.06 -24.76
N ILE B 86 16.71 27.51 -24.29
CA ILE B 86 15.56 28.31 -23.88
C ILE B 86 15.93 29.24 -22.73
N ASP B 87 16.44 28.65 -21.64
CA ASP B 87 16.78 29.41 -20.46
C ASP B 87 18.15 30.07 -20.60
N HIS B 88 18.77 29.88 -21.75
CA HIS B 88 20.15 30.34 -22.01
C HIS B 88 21.01 30.55 -20.76
N GLU B 89 21.50 29.43 -20.20
CA GLU B 89 22.29 29.48 -18.96
C GLU B 89 23.82 29.44 -19.11
N ASN B 90 24.36 28.89 -20.21
CA ASN B 90 23.60 28.32 -21.32
C ASN B 90 24.12 26.92 -21.62
N THR B 91 24.89 26.38 -20.67
CA THR B 91 25.54 25.09 -20.87
C THR B 91 24.75 23.94 -20.25
N ASN B 92 25.08 22.72 -20.67
CA ASN B 92 24.45 21.52 -20.15
C ASN B 92 24.78 21.28 -18.69
N PRO B 93 23.78 20.90 -17.90
CA PRO B 93 24.15 20.24 -16.65
C PRO B 93 24.83 18.95 -17.08
N GLY B 94 25.56 18.30 -16.19
CA GLY B 94 26.24 17.08 -16.55
C GLY B 94 25.23 15.97 -16.82
N ILE B 95 25.48 15.16 -17.85
CA ILE B 95 24.69 13.98 -18.11
C ILE B 95 25.55 12.73 -17.98
N VAL B 96 25.04 11.75 -17.25
CA VAL B 96 25.65 10.44 -17.14
C VAL B 96 24.67 9.37 -17.57
N PHE B 97 25.14 8.44 -18.39
CA PHE B 97 24.37 7.29 -18.83
C PHE B 97 25.02 6.02 -18.26
N LEU B 98 24.20 5.06 -17.84
CA LEU B 98 24.69 3.72 -17.58
C LEU B 98 23.75 2.72 -18.23
N ILE B 99 24.32 1.73 -18.92
CA ILE B 99 23.56 0.64 -19.52
C ILE B 99 23.64 -0.67 -18.70
N GLY B 100 22.51 -1.35 -18.55
CA GLY B 100 22.47 -2.58 -17.78
C GLY B 100 22.22 -2.36 -16.29
N GLU B 101 22.23 -3.44 -15.52
CA GLU B 101 22.07 -3.35 -14.08
C GLU B 101 23.18 -2.51 -13.43
N VAL B 102 22.85 -1.83 -12.34
CA VAL B 102 23.83 -1.15 -11.51
C VAL B 102 24.67 -2.15 -10.73
N PRO B 103 25.98 -2.20 -10.99
CA PRO B 103 26.90 -3.14 -10.34
C PRO B 103 27.10 -2.78 -8.89
N LYS B 104 27.57 -3.73 -8.10
CA LYS B 104 27.87 -3.50 -6.71
C LYS B 104 28.88 -2.35 -6.51
N GLU B 105 29.89 -2.26 -7.37
CA GLU B 105 30.86 -1.17 -7.29
C GLU B 105 30.21 0.23 -7.28
N LEU B 106 29.28 0.47 -8.19
CA LEU B 106 28.54 1.74 -8.25
C LEU B 106 27.56 1.92 -7.11
N GLU B 107 26.91 0.85 -6.67
CA GLU B 107 26.00 0.95 -5.54
C GLU B 107 26.76 1.41 -4.29
N GLU B 108 27.96 0.88 -4.11
CA GLU B 108 28.75 1.18 -2.95
C GLU B 108 29.33 2.59 -2.99
N PHE B 109 29.63 3.06 -4.18
CA PHE B 109 30.11 4.42 -4.36
C PHE B 109 29.00 5.39 -3.96
N SER B 110 27.78 5.05 -4.35
CA SER B 110 26.67 5.90 -4.07
C SER B 110 26.45 6.00 -2.56
N LEU B 111 26.61 4.88 -1.85
CA LEU B 111 26.45 4.86 -0.39
C LEU B 111 27.57 5.61 0.32
N ARG B 112 28.78 5.46 -0.20
CA ARG B 112 29.93 6.14 0.35
C ARG B 112 29.83 7.65 0.15
N ALA B 113 29.31 8.08 -1.00
CA ALA B 113 29.14 9.50 -1.30
C ALA B 113 28.11 10.21 -0.41
N LEU B 114 27.11 9.46 0.07
CA LEU B 114 26.11 10.06 0.96
C LEU B 114 26.63 10.16 2.39
N ARG B 115 27.59 9.33 2.75
CA ARG B 115 28.07 9.32 4.13
C ARG B 115 29.43 9.99 4.33
N GLU B 116 30.11 10.37 3.26
CA GLU B 116 31.43 10.99 3.41
C GLU B 116 31.91 11.74 2.17
N HIS B 117 32.91 12.58 2.35
CA HIS B 117 33.40 13.36 1.23
C HIS B 117 34.15 12.48 0.25
N VAL B 118 33.83 12.58 -1.03
CA VAL B 118 34.54 11.84 -2.05
C VAL B 118 35.11 12.78 -3.11
N THR B 119 36.17 12.32 -3.80
CA THR B 119 36.88 13.14 -4.79
C THR B 119 36.42 12.87 -6.21
N ILE B 120 36.64 13.84 -7.09
CA ILE B 120 36.39 13.66 -8.52
C ILE B 120 37.15 12.43 -9.07
N GLU B 121 38.36 12.21 -8.59
CA GLU B 121 39.17 11.07 -9.04
C GLU B 121 38.56 9.71 -8.67
N GLU B 122 37.97 9.63 -7.47
CA GLU B 122 37.26 8.42 -7.05
C GLU B 122 36.09 8.13 -7.98
N ALA B 123 35.37 9.20 -8.36
CA ALA B 123 34.23 9.13 -9.26
C ALA B 123 34.66 8.73 -10.68
N GLU B 124 35.75 9.31 -11.16
CA GLU B 124 36.28 8.90 -12.45
C GLU B 124 36.64 7.42 -12.41
N HIS B 125 37.22 6.99 -11.29
CA HIS B 125 37.59 5.60 -11.14
C HIS B 125 36.41 4.63 -11.26
N VAL B 126 35.34 4.85 -10.49
CA VAL B 126 34.17 3.97 -10.60
C VAL B 126 33.51 4.09 -11.97
N ALA B 127 33.42 5.30 -12.51
CA ALA B 127 32.82 5.52 -13.82
C ALA B 127 33.51 4.71 -14.92
N ARG B 128 34.83 4.62 -14.86
CA ARG B 128 35.57 3.85 -15.85
C ARG B 128 35.34 2.37 -15.62
N LYS B 129 35.40 1.96 -14.35
CA LYS B 129 35.24 0.57 -13.98
C LYS B 129 33.86 -0.03 -14.34
N VAL B 130 32.78 0.75 -14.19
CA VAL B 130 31.46 0.21 -14.48
C VAL B 130 31.01 0.60 -15.89
N ASN B 131 31.83 1.35 -16.59
CA ASN B 131 31.50 1.77 -17.94
C ASN B 131 30.32 2.75 -18.05
N ALA B 132 30.22 3.64 -17.08
CA ALA B 132 29.28 4.75 -17.21
C ALA B 132 29.80 5.69 -18.29
N GLU B 133 28.93 6.22 -19.12
CA GLU B 133 29.32 7.24 -20.07
C GLU B 133 29.03 8.60 -19.48
N VAL B 134 30.09 9.34 -19.17
CA VAL B 134 29.93 10.69 -18.68
C VAL B 134 29.92 11.61 -19.89
N TYR B 135 28.73 12.08 -20.27
CA TYR B 135 28.59 12.82 -21.51
C TYR B 135 29.19 14.23 -21.40
N LYS B 136 30.18 14.51 -22.25
CA LYS B 136 30.83 15.82 -22.28
C LYS B 136 31.16 16.36 -20.88
N PHE B 137 32.11 15.70 -20.23
CA PHE B 137 32.57 16.05 -18.89
C PHE B 137 33.25 17.42 -18.89
N LYS B 138 33.02 18.22 -17.85
CA LYS B 138 33.61 19.56 -17.75
C LYS B 138 34.53 19.76 -16.53
N LEU B 139 35.05 18.66 -16.00
CA LEU B 139 35.97 18.68 -14.86
C LEU B 139 35.33 19.22 -13.57
N GLY B 140 34.05 18.98 -13.37
CA GLY B 140 33.42 19.36 -12.12
C GLY B 140 33.11 18.20 -11.17
N ARG B 141 32.59 18.54 -10.00
CA ARG B 141 32.17 17.54 -9.03
C ARG B 141 30.82 16.92 -9.34
N GLY B 142 30.14 17.44 -10.35
CA GLY B 142 28.84 16.96 -10.76
C GLY B 142 28.83 15.47 -11.04
N ILE B 143 29.91 14.98 -11.61
CA ILE B 143 30.03 13.58 -11.94
C ILE B 143 29.78 12.69 -10.73
N ILE B 144 30.15 13.17 -9.55
CA ILE B 144 29.91 12.46 -8.31
C ILE B 144 28.41 12.30 -8.03
N GLY B 145 27.66 13.40 -8.11
CA GLY B 145 26.22 13.40 -7.89
C GLY B 145 25.45 12.56 -8.89
N GLY B 146 25.80 12.69 -10.17
CA GLY B 146 25.19 11.88 -11.20
C GLY B 146 25.43 10.39 -11.01
N LEU B 147 26.65 10.00 -10.63
CA LEU B 147 26.96 8.60 -10.40
C LEU B 147 26.24 8.11 -9.15
N ALA B 148 26.28 8.92 -8.11
CA ALA B 148 25.65 8.61 -6.83
C ALA B 148 24.15 8.43 -6.99
N ALA B 149 23.51 9.33 -7.73
CA ALA B 149 22.08 9.23 -8.00
C ALA B 149 21.75 7.95 -8.76
N ILE B 150 22.51 7.62 -9.81
CA ILE B 150 22.27 6.36 -10.53
C ILE B 150 22.41 5.13 -9.62
N GLY B 151 23.42 5.13 -8.77
CA GLY B 151 23.75 3.97 -7.97
C GLY B 151 22.95 3.81 -6.69
N TYR B 152 22.19 4.84 -6.31
CA TYR B 152 21.48 4.80 -5.03
C TYR B 152 20.36 3.78 -4.96
N PRO B 153 20.46 2.84 -4.01
CA PRO B 153 19.38 1.86 -3.86
C PRO B 153 18.22 2.46 -3.05
N LEU B 154 17.02 2.45 -3.62
CA LEU B 154 15.82 3.01 -2.99
C LEU B 154 15.21 2.08 -1.96
N GLU B 155 16.02 1.57 -1.03
CA GLU B 155 15.49 0.71 0.00
C GLU B 155 14.71 1.58 0.97
N LYS B 156 15.33 2.68 1.39
CA LYS B 156 14.71 3.66 2.25
C LYS B 156 14.57 4.99 1.51
N PHE B 157 13.36 5.49 1.43
CA PHE B 157 13.11 6.69 0.66
C PHE B 157 11.84 7.34 1.15
N THR B 158 11.50 8.43 0.50
CA THR B 158 10.42 9.29 0.91
C THR B 158 9.89 9.84 -0.43
N TYR B 159 8.58 10.04 -0.56
CA TYR B 159 8.07 10.63 -1.80
C TYR B 159 8.20 12.13 -1.72
N GLU B 160 8.49 12.75 -2.85
CA GLU B 160 8.56 14.21 -2.92
C GLU B 160 7.88 14.67 -4.21
N LEU B 161 6.74 15.35 -4.05
CA LEU B 161 5.99 15.90 -5.16
C LEU B 161 6.38 17.35 -5.30
N LEU B 162 6.83 17.73 -6.49
CA LEU B 162 7.24 19.10 -6.74
C LEU B 162 6.40 19.64 -7.86
N ALA B 163 5.84 20.83 -7.65
CA ALA B 163 5.04 21.49 -8.67
C ALA B 163 5.85 22.62 -9.24
N TYR B 164 5.89 22.71 -10.56
CA TYR B 164 6.76 23.69 -11.22
C TYR B 164 6.01 24.90 -11.81
N ARG B 165 6.65 26.05 -11.77
CA ARG B 165 6.03 27.29 -12.23
C ARG B 165 6.32 27.50 -13.69
N LYS B 166 5.36 28.10 -14.40
CA LYS B 166 5.60 28.56 -15.76
C LYS B 166 6.70 29.60 -15.72
N ARG B 167 7.49 29.69 -16.79
CA ARG B 167 8.61 30.64 -16.89
C ARG B 167 8.24 32.09 -16.59
N GLU B 168 7.06 32.54 -17.05
CA GLU B 168 6.66 33.94 -16.89
C GLU B 168 6.59 34.34 -15.42
N TYR B 169 6.37 33.36 -14.55
CA TYR B 169 6.22 33.61 -13.12
C TYR B 169 7.51 33.51 -12.30
N TRP B 170 8.59 33.04 -12.91
CA TRP B 170 9.83 32.84 -12.17
C TRP B 170 10.30 34.13 -11.53
N GLY B 171 10.78 34.05 -10.29
CA GLY B 171 11.13 35.26 -9.56
C GLY B 171 9.98 36.24 -9.42
N THR B 172 8.75 35.73 -9.46
CA THR B 172 7.55 36.51 -9.18
C THR B 172 6.89 35.94 -7.92
N PRO B 173 6.53 36.82 -6.97
CA PRO B 173 5.96 36.41 -5.69
C PRO B 173 5.02 35.21 -5.84
N ARG B 174 5.23 34.19 -5.03
CA ARG B 174 4.45 32.95 -5.13
C ARG B 174 2.98 33.13 -4.79
N ARG B 175 2.14 32.55 -5.65
CA ARG B 175 0.69 32.61 -5.51
C ARG B 175 0.18 31.24 -5.09
N VAL B 176 0.27 30.95 -3.81
CA VAL B 176 -0.12 29.67 -3.25
C VAL B 176 -0.44 29.87 -1.78
N ILE B 177 -1.55 29.29 -1.33
CA ILE B 177 -2.00 29.47 0.05
C ILE B 177 -2.35 28.15 0.74
N LYS B 178 -1.84 27.98 1.96
CA LYS B 178 -2.12 26.76 2.73
C LYS B 178 -2.95 27.08 3.98
N GLU B 179 -4.26 26.94 3.87
CA GLU B 179 -5.14 27.06 5.03
C GLU B 179 -5.16 25.72 5.73
N SER B 180 -5.30 25.75 7.04
CA SER B 180 -5.26 24.54 7.83
C SER B 180 -6.54 23.73 7.68
N VAL B 181 -6.39 22.43 7.47
CA VAL B 181 -7.50 21.50 7.48
C VAL B 181 -7.05 20.26 8.23
N PHE B 182 -8.00 19.42 8.61
CA PHE B 182 -7.69 18.11 9.15
C PHE B 182 -7.64 17.15 7.99
N TYR B 183 -6.86 16.09 8.16
CA TYR B 183 -6.72 15.07 7.15
C TYR B 183 -7.23 13.77 7.73
N ALA B 184 -7.44 12.79 6.86
CA ALA B 184 -7.95 11.50 7.20
C ALA B 184 -6.80 10.57 7.51
N ASP B 185 -6.75 10.12 8.76
CA ASP B 185 -5.68 9.27 9.28
C ASP B 185 -6.30 8.08 10.01
N LYS B 186 -6.03 6.89 9.49
CA LYS B 186 -6.44 5.65 10.13
C LYS B 186 -6.12 5.62 11.64
N TRP B 187 -4.86 5.85 12.01
CA TRP B 187 -4.42 5.66 13.40
C TRP B 187 -5.21 6.53 14.37
N SER B 188 -5.87 7.58 13.88
CA SER B 188 -6.55 8.52 14.77
C SER B 188 -7.99 8.08 15.08
N TYR B 189 -8.48 7.08 14.36
CA TYR B 189 -9.84 6.59 14.59
C TYR B 189 -10.30 6.46 16.06
N PRO B 190 -9.54 5.74 16.90
CA PRO B 190 -9.95 5.45 18.28
C PRO B 190 -9.82 6.66 19.21
N PHE B 191 -9.34 7.76 18.65
CA PHE B 191 -9.03 8.92 19.44
C PHE B 191 -10.11 9.96 19.31
N THR B 192 -10.27 10.72 20.37
CA THR B 192 -11.18 11.84 20.40
C THR B 192 -10.83 12.85 19.33
N TYR B 193 -11.83 13.62 18.92
CA TYR B 193 -11.65 14.71 17.97
C TYR B 193 -10.49 15.67 18.30
N ASP B 194 -10.47 16.23 19.51
CA ASP B 194 -9.36 17.13 19.82
C ASP B 194 -8.12 16.32 20.20
N ASN B 195 -7.25 16.09 19.22
CA ASN B 195 -6.08 15.23 19.40
C ASN B 195 -4.99 15.63 18.43
N VAL B 196 -3.82 15.98 18.96
CA VAL B 196 -2.72 16.43 18.09
C VAL B 196 -1.83 15.28 17.64
N ASP B 197 -1.34 15.38 16.41
CA ASP B 197 -0.41 14.39 15.91
C ASP B 197 0.84 14.43 16.76
N PRO B 198 1.39 13.26 17.08
CA PRO B 198 2.71 13.28 17.74
C PRO B 198 3.79 13.64 16.72
N TYR B 199 3.62 13.20 15.48
CA TYR B 199 4.57 13.50 14.41
C TYR B 199 3.84 14.05 13.21
N LYS B 200 4.50 14.92 12.47
CA LYS B 200 4.05 15.25 11.13
C LYS B 200 4.91 14.48 10.13
N ARG B 201 4.28 13.54 9.41
CA ARG B 201 4.99 12.66 8.49
C ARG B 201 5.00 13.26 7.08
N THR B 202 4.08 14.21 6.87
CA THR B 202 3.97 14.87 5.59
C THR B 202 4.24 16.35 5.79
N VAL B 203 5.21 16.88 5.05
CA VAL B 203 5.60 18.28 5.21
C VAL B 203 5.57 19.03 3.87
N LEU B 204 5.33 20.34 3.93
CA LEU B 204 5.34 21.17 2.74
C LEU B 204 6.75 21.68 2.43
N ILE B 205 7.03 21.86 1.16
CA ILE B 205 8.24 22.54 0.75
C ILE B 205 7.84 23.86 0.12
N THR B 206 8.34 24.95 0.68
CA THR B 206 7.94 26.28 0.23
C THR B 206 9.15 27.08 -0.19
N PRO B 207 9.57 26.93 -1.45
CA PRO B 207 10.76 27.66 -1.91
C PRO B 207 10.52 29.17 -1.97
N HIS B 208 11.61 29.90 -2.14
CA HIS B 208 11.53 31.36 -2.29
C HIS B 208 12.39 31.82 -3.45
N GLY B 209 12.15 33.03 -3.92
CA GLY B 209 12.91 33.57 -5.04
C GLY B 209 12.66 32.88 -6.37
N LYS B 210 13.69 32.93 -7.22
CA LYS B 210 13.57 32.61 -8.64
C LYS B 210 13.59 31.11 -8.94
N ASP B 211 13.77 30.31 -7.90
CA ASP B 211 13.61 28.87 -7.97
C ASP B 211 12.31 28.50 -8.69
N PRO B 212 12.40 27.72 -9.77
CA PRO B 212 11.22 27.32 -10.55
C PRO B 212 10.21 26.46 -9.80
N VAL B 213 10.54 25.95 -8.62
CA VAL B 213 9.55 25.16 -7.88
C VAL B 213 8.50 26.07 -7.24
N LEU B 214 7.23 25.82 -7.52
CA LEU B 214 6.12 26.57 -6.91
C LEU B 214 5.98 26.21 -5.44
N VAL B 215 5.74 24.92 -5.20
CA VAL B 215 5.54 24.37 -3.88
C VAL B 215 5.80 22.88 -3.99
N GLY B 216 6.20 22.24 -2.90
CA GLY B 216 6.42 20.81 -2.91
C GLY B 216 5.84 20.11 -1.69
N ILE B 217 5.83 18.78 -1.72
CA ILE B 217 5.37 18.02 -0.58
C ILE B 217 6.24 16.78 -0.39
N ARG B 218 6.71 16.58 0.83
CA ARG B 218 7.50 15.40 1.15
C ARG B 218 6.72 14.55 2.14
N GLY B 219 6.58 13.27 1.84
CA GLY B 219 5.85 12.37 2.71
C GLY B 219 6.22 10.92 2.42
N ILE B 220 5.75 10.02 3.26
CA ILE B 220 6.08 8.60 3.14
C ILE B 220 4.95 7.81 2.48
N ASP B 221 3.79 8.44 2.36
CA ASP B 221 2.58 7.76 1.91
C ASP B 221 1.88 8.51 0.78
N VAL B 222 1.61 7.82 -0.32
CA VAL B 222 1.06 8.47 -1.50
C VAL B 222 -0.36 9.02 -1.29
N GLY B 223 -1.23 8.25 -0.64
CA GLY B 223 -2.57 8.71 -0.31
C GLY B 223 -2.59 10.02 0.48
N LYS B 224 -1.68 10.13 1.45
CA LYS B 224 -1.58 11.32 2.29
C LYS B 224 -0.98 12.49 1.51
N ILE B 225 -0.04 12.19 0.62
CA ILE B 225 0.50 13.20 -0.26
C ILE B 225 -0.62 13.77 -1.11
N LEU B 226 -1.43 12.87 -1.67
CA LEU B 226 -2.59 13.26 -2.47
C LEU B 226 -3.62 14.11 -1.65
N GLN B 227 -3.82 13.78 -0.37
CA GLN B 227 -4.72 14.57 0.49
C GLN B 227 -4.16 15.95 0.68
N VAL B 228 -2.86 16.04 0.95
CA VAL B 228 -2.29 17.37 1.16
C VAL B 228 -2.29 18.15 -0.15
N PHE B 229 -1.91 17.48 -1.23
CA PHE B 229 -1.86 18.14 -2.53
C PHE B 229 -3.23 18.72 -2.98
N GLU B 230 -4.32 17.94 -2.88
CA GLU B 230 -5.60 18.43 -3.39
C GLU B 230 -6.10 19.61 -2.58
N MSE B 231 -5.70 19.67 -1.32
CA MSE B 231 -6.12 20.71 -0.38
C MSE B 231 -5.29 22.02 -0.52
O MSE B 231 -5.67 23.05 0.04
CB MSE B 231 -6.04 20.17 1.05
CG MSE B 231 -7.09 20.66 2.00
SE MSE B 231 -8.91 20.36 1.37
CE MSE B 231 -9.32 18.57 2.02
N ILE B 232 -4.18 21.99 -1.24
CA ILE B 232 -3.42 23.22 -1.44
C ILE B 232 -4.12 24.18 -2.41
N LYS B 233 -4.26 25.44 -2.03
CA LYS B 233 -4.86 26.43 -2.92
C LYS B 233 -3.81 27.07 -3.85
N ILE B 234 -3.86 26.69 -5.11
CA ILE B 234 -2.85 27.13 -6.07
C ILE B 234 -3.44 28.21 -6.97
N GLU B 235 -2.91 29.42 -6.82
CA GLU B 235 -3.48 30.58 -7.46
C GLU B 235 -2.92 30.80 -8.84
N GLU B 236 -1.65 30.45 -9.03
CA GLU B 236 -1.06 30.55 -10.35
C GLU B 236 -1.12 29.19 -11.04
N PRO B 237 -1.12 29.20 -12.38
CA PRO B 237 -1.07 27.96 -13.15
C PRO B 237 0.29 27.30 -12.99
N ILE B 238 0.35 25.98 -12.97
CA ILE B 238 1.64 25.30 -12.93
C ILE B 238 1.97 24.60 -14.25
N GLU B 239 3.21 24.79 -14.70
CA GLU B 239 3.70 24.13 -15.91
C GLU B 239 3.39 22.64 -15.84
N PHE B 240 3.80 22.02 -14.73
CA PHE B 240 3.55 20.62 -14.46
C PHE B 240 4.02 20.33 -13.07
N PHE B 241 3.72 19.15 -12.57
CA PHE B 241 4.31 18.70 -11.32
C PHE B 241 4.93 17.31 -11.53
N GLN B 242 5.86 16.94 -10.67
CA GLN B 242 6.53 15.64 -10.77
C GLN B 242 6.69 14.98 -9.41
N VAL B 243 6.42 13.68 -9.35
CA VAL B 243 6.69 12.93 -8.13
C VAL B 243 8.08 12.30 -8.23
N TYR B 244 8.90 12.53 -7.21
CA TYR B 244 10.20 11.88 -7.07
C TYR B 244 10.23 10.99 -5.85
N LYS B 245 11.12 10.00 -5.85
CA LYS B 245 11.50 9.36 -4.62
C LYS B 245 12.89 9.86 -4.23
N THR B 246 13.07 10.15 -2.94
CA THR B 246 14.30 10.78 -2.47
C THR B 246 14.84 10.10 -1.22
N ASN B 247 16.15 10.21 -1.02
CA ASN B 247 16.84 9.67 0.15
C ASN B 247 16.64 10.60 1.35
N GLN B 248 16.04 11.75 1.11
CA GLN B 248 15.82 12.68 2.19
C GLN B 248 14.65 12.22 3.07
N ASN B 249 14.52 12.83 4.25
CA ASN B 249 13.35 12.57 5.07
C ASN B 249 12.70 13.85 5.59
N THR B 250 11.55 13.72 6.25
CA THR B 250 10.89 14.86 6.85
C THR B 250 11.48 15.20 8.22
N MSE C 1 21.37 -11.61 -14.07
CA MSE C 1 20.70 -12.52 -14.97
C MSE C 1 19.43 -13.13 -14.37
O MSE C 1 19.43 -13.59 -13.23
CB MSE C 1 21.64 -13.64 -15.39
CG MSE C 1 20.98 -14.74 -16.17
SE MSE C 1 22.30 -16.02 -16.84
CE MSE C 1 23.12 -14.86 -18.18
N LEU C 2 18.37 -13.15 -15.15
CA LEU C 2 17.10 -13.72 -14.75
C LEU C 2 17.07 -15.19 -15.14
N ILE C 3 16.63 -16.04 -14.24
CA ILE C 3 16.32 -17.43 -14.60
C ILE C 3 14.94 -17.83 -14.05
N HIS C 4 14.12 -18.44 -14.92
CA HIS C 4 12.77 -18.87 -14.59
C HIS C 4 12.67 -20.38 -14.59
N ILE C 5 11.89 -20.91 -13.66
CA ILE C 5 11.65 -22.33 -13.61
C ILE C 5 10.17 -22.59 -13.57
N GLY C 6 9.71 -23.51 -14.42
CA GLY C 6 8.31 -23.87 -14.46
C GLY C 6 8.11 -25.37 -14.31
N ILE C 7 7.13 -25.76 -13.50
CA ILE C 7 6.81 -27.18 -13.31
C ILE C 7 5.32 -27.46 -13.36
N ASP C 8 4.95 -28.63 -13.87
CA ASP C 8 3.55 -29.03 -13.96
C ASP C 8 3.46 -30.56 -14.04
N ASP C 9 2.40 -31.12 -13.47
CA ASP C 9 2.22 -32.58 -13.40
C ASP C 9 3.36 -33.29 -12.66
N MSE C 16 2.97 -36.11 -3.79
CA MSE C 16 3.28 -34.68 -3.76
C MSE C 16 2.73 -33.98 -4.99
O MSE C 16 3.13 -34.25 -6.13
CB MSE C 16 4.79 -34.43 -3.69
CG MSE C 16 5.53 -35.19 -2.59
SE MSE C 16 6.12 -36.97 -3.11
CE MSE C 16 7.64 -37.14 -1.91
N CYS C 17 1.79 -33.07 -4.76
CA CYS C 17 1.25 -32.21 -5.80
C CYS C 17 2.31 -31.21 -6.26
N TPO C 18 1.96 -30.43 -7.28
CA TPO C 18 2.85 -29.42 -7.88
CB TPO C 18 2.21 -28.85 -9.16
CG2 TPO C 18 3.17 -27.87 -9.79
OG1 TPO C 18 1.97 -29.90 -10.08
P TPO C 18 0.41 -30.30 -10.06
O1P TPO C 18 0.26 -31.78 -10.05
O2P TPO C 18 -0.31 -29.67 -8.76
O3P TPO C 18 -0.30 -29.73 -11.39
C TPO C 18 3.26 -28.28 -6.96
O TPO C 18 4.43 -27.86 -6.95
N THR C 19 2.31 -27.77 -6.18
CA THR C 19 2.56 -26.63 -5.28
C THR C 19 3.45 -27.03 -4.11
N TYR C 20 3.41 -28.31 -3.75
CA TYR C 20 4.26 -28.84 -2.70
C TYR C 20 5.73 -28.85 -3.14
N ILE C 21 6.01 -29.50 -4.27
CA ILE C 21 7.34 -29.48 -4.89
C ILE C 21 7.84 -28.09 -5.26
N GLY C 22 6.97 -27.29 -5.88
CA GLY C 22 7.32 -25.93 -6.23
C GLY C 22 7.72 -25.10 -5.01
N ALA C 23 7.11 -25.41 -3.88
CA ALA C 23 7.47 -24.75 -2.64
C ALA C 23 8.85 -25.21 -2.16
N ILE C 24 9.13 -26.50 -2.28
CA ILE C 24 10.48 -26.99 -1.98
C ILE C 24 11.50 -26.25 -2.82
N LEU C 25 11.28 -26.21 -4.13
CA LEU C 25 12.21 -25.52 -5.03
C LEU C 25 12.42 -24.06 -4.67
N TYR C 26 11.33 -23.35 -4.43
CA TYR C 26 11.43 -21.93 -4.10
C TYR C 26 12.28 -21.76 -2.85
N ARG C 27 12.08 -22.64 -1.87
CA ARG C 27 12.77 -22.52 -0.59
C ARG C 27 14.26 -22.82 -0.75
N GLU C 28 14.56 -23.88 -1.50
CA GLU C 28 15.93 -24.33 -1.71
C GLU C 28 16.72 -23.35 -2.56
N ILE C 29 16.14 -22.93 -3.67
CA ILE C 29 16.82 -22.00 -4.57
C ILE C 29 17.03 -20.64 -3.92
N SER C 30 16.15 -20.24 -3.00
CA SER C 30 16.33 -18.96 -2.32
C SER C 30 17.59 -18.95 -1.49
N LYS C 31 18.16 -20.13 -1.23
CA LYS C 31 19.46 -20.22 -0.57
C LYS C 31 20.60 -19.71 -1.44
N ILE C 32 20.44 -19.82 -2.76
CA ILE C 32 21.54 -19.51 -3.66
C ILE C 32 21.26 -18.37 -4.64
N ALA C 33 20.06 -17.82 -4.61
CA ALA C 33 19.67 -16.83 -5.60
C ALA C 33 18.57 -15.94 -5.08
N GLU C 34 18.45 -14.76 -5.65
CA GLU C 34 17.47 -13.79 -5.20
C GLU C 34 16.16 -13.91 -5.96
N PRO C 35 15.09 -14.30 -5.26
CA PRO C 35 13.77 -14.39 -5.91
C PRO C 35 13.28 -13.01 -6.33
N LEU C 36 12.56 -12.94 -7.45
CA LEU C 36 11.92 -11.70 -7.86
C LEU C 36 10.69 -11.38 -7.02
N ASP C 37 10.02 -12.43 -6.56
CA ASP C 37 8.69 -12.31 -5.98
C ASP C 37 8.33 -13.69 -5.45
N PHE C 38 7.16 -13.77 -4.79
CA PHE C 38 6.63 -15.07 -4.38
C PHE C 38 6.49 -15.89 -5.63
N PRO C 39 6.60 -17.22 -5.51
CA PRO C 39 6.36 -18.07 -6.68
C PRO C 39 4.92 -17.89 -7.12
N ARG C 40 4.62 -18.34 -8.33
CA ARG C 40 3.30 -18.14 -8.90
C ARG C 40 2.62 -19.45 -9.24
N LEU C 41 1.34 -19.50 -8.95
CA LEU C 41 0.51 -20.66 -9.23
C LEU C 41 -0.46 -20.25 -10.34
N ILE C 42 -0.32 -20.89 -11.49
CA ILE C 42 -1.07 -20.48 -12.65
C ILE C 42 -2.06 -21.57 -13.00
N ARG C 43 -3.34 -21.24 -12.86
CA ARG C 43 -4.41 -22.21 -13.10
C ARG C 43 -5.02 -21.97 -14.46
N LEU C 44 -4.99 -22.98 -15.32
CA LEU C 44 -5.47 -22.80 -16.69
C LEU C 44 -6.98 -22.71 -16.79
N ASN C 45 -7.69 -23.10 -15.73
CA ASN C 45 -9.13 -22.88 -15.65
C ASN C 45 -9.64 -22.94 -14.21
N ASN C 55 -5.05 -27.94 -13.04
CA ASN C 55 -4.19 -27.18 -13.95
C ASN C 55 -2.92 -26.70 -13.24
N GLY C 56 -3.08 -26.36 -11.97
CA GLY C 56 -2.01 -25.83 -11.13
C GLY C 56 -0.60 -26.10 -11.60
N ALA C 57 -0.09 -25.22 -12.45
CA ALA C 57 1.33 -25.19 -12.77
C ALA C 57 1.98 -24.13 -11.91
N VAL C 58 3.25 -24.32 -11.59
CA VAL C 58 3.98 -23.39 -10.76
C VAL C 58 5.22 -22.83 -11.46
N ALA C 59 5.51 -21.55 -11.24
CA ALA C 59 6.73 -20.97 -11.81
C ALA C 59 7.32 -19.96 -10.85
N MSE C 60 8.55 -19.57 -11.09
CA MSE C 60 9.27 -18.75 -10.14
C MSE C 60 10.49 -18.18 -10.84
O MSE C 60 10.99 -18.77 -11.79
CB MSE C 60 9.66 -19.58 -8.90
CG MSE C 60 10.72 -20.65 -9.15
SE MSE C 60 10.86 -22.09 -7.80
CE MSE C 60 9.14 -22.98 -8.12
N SER C 61 10.95 -17.03 -10.37
CA SER C 61 11.98 -16.29 -11.06
C SER C 61 13.00 -15.79 -10.06
N PHE C 62 14.27 -15.96 -10.43
CA PHE C 62 15.40 -15.54 -9.60
C PHE C 62 16.38 -14.66 -10.38
N LYS C 63 17.06 -13.79 -9.66
CA LYS C 63 18.18 -13.03 -10.19
C LYS C 63 19.38 -13.87 -9.84
N ILE C 64 20.20 -14.15 -10.84
CA ILE C 64 21.33 -15.05 -10.70
C ILE C 64 22.52 -14.49 -11.50
N ASP C 65 23.70 -15.03 -11.26
CA ASP C 65 24.83 -14.72 -12.13
C ASP C 65 25.02 -15.86 -13.13
N GLU C 66 25.66 -15.56 -14.26
CA GLU C 66 25.90 -16.54 -15.29
C GLU C 66 26.41 -17.84 -14.68
N GLU C 67 27.34 -17.72 -13.76
CA GLU C 67 28.09 -18.88 -13.28
C GLU C 67 27.26 -19.86 -12.45
N LYS C 68 25.99 -19.52 -12.20
CA LYS C 68 25.15 -20.33 -11.31
C LYS C 68 24.03 -21.12 -12.00
N ILE C 69 23.91 -20.97 -13.32
CA ILE C 69 22.88 -21.67 -14.10
C ILE C 69 22.89 -23.16 -13.82
N LYS C 70 24.07 -23.76 -13.87
CA LYS C 70 24.23 -25.19 -13.72
C LYS C 70 23.76 -25.62 -12.33
N GLU C 71 24.20 -24.88 -11.33
CA GLU C 71 23.87 -25.19 -9.93
C GLU C 71 22.37 -25.19 -9.75
N VAL C 72 21.72 -24.12 -10.19
CA VAL C 72 20.26 -24.03 -10.17
C VAL C 72 19.61 -25.20 -10.91
N LYS C 73 20.03 -25.42 -12.16
CA LYS C 73 19.49 -26.53 -12.96
C LYS C 73 19.61 -27.84 -12.20
N THR C 74 20.80 -28.09 -11.65
CA THR C 74 21.08 -29.35 -10.96
C THR C 74 20.20 -29.51 -9.71
N LEU C 75 20.23 -28.49 -8.84
CA LEU C 75 19.35 -28.45 -7.69
C LEU C 75 17.93 -28.84 -8.06
N VAL C 76 17.34 -28.09 -8.97
CA VAL C 76 15.97 -28.31 -9.38
C VAL C 76 15.69 -29.76 -9.77
N ILE C 77 16.43 -30.28 -10.73
CA ILE C 77 16.18 -31.65 -11.16
C ILE C 77 16.50 -32.65 -10.05
N ARG C 78 17.42 -32.26 -9.16
CA ARG C 78 17.74 -33.05 -7.98
C ARG C 78 16.52 -33.21 -7.07
N TYR C 79 15.84 -32.11 -6.77
CA TYR C 79 14.67 -32.16 -5.88
C TYR C 79 13.41 -32.74 -6.51
N VAL C 80 13.13 -32.38 -7.76
CA VAL C 80 11.97 -32.93 -8.45
C VAL C 80 12.08 -34.46 -8.55
N ARG C 81 13.30 -34.99 -8.44
CA ARG C 81 13.49 -36.44 -8.51
C ARG C 81 13.35 -37.13 -7.15
N GLU C 82 13.96 -36.57 -6.11
CA GLU C 82 13.79 -37.09 -4.77
C GLU C 82 12.30 -37.15 -4.45
N LEU C 83 11.59 -36.06 -4.73
CA LEU C 83 10.13 -36.02 -4.61
C LEU C 83 9.47 -36.79 -5.75
N ALA C 84 10.22 -37.74 -6.30
CA ALA C 84 9.68 -38.74 -7.21
C ALA C 84 10.20 -40.06 -6.66
N ASP C 85 11.39 -39.98 -6.09
CA ASP C 85 12.00 -41.07 -5.35
C ASP C 85 11.09 -41.43 -4.17
N ILE C 86 9.83 -41.69 -4.47
CA ILE C 86 8.82 -41.96 -3.45
C ILE C 86 7.49 -42.42 -4.07
N ASN C 92 5.99 -36.45 -18.19
CA ASN C 92 4.88 -36.16 -17.27
C ASN C 92 5.21 -35.02 -16.30
N PRO C 93 6.29 -35.17 -15.50
CA PRO C 93 6.71 -34.06 -14.64
C PRO C 93 7.57 -33.07 -15.43
N GLY C 94 6.93 -32.19 -16.19
CA GLY C 94 7.64 -31.27 -17.05
C GLY C 94 8.37 -30.18 -16.30
N ILE C 95 9.69 -30.12 -16.45
CA ILE C 95 10.47 -28.99 -15.99
C ILE C 95 10.90 -28.12 -17.15
N VAL C 96 10.67 -26.82 -17.03
CA VAL C 96 11.04 -25.88 -18.06
C VAL C 96 11.91 -24.77 -17.48
N PHE C 97 12.99 -24.44 -18.17
CA PHE C 97 13.93 -23.41 -17.75
C PHE C 97 14.03 -22.33 -18.82
N LEU C 98 14.07 -21.09 -18.39
CA LEU C 98 14.25 -19.97 -19.28
C LEU C 98 15.20 -18.95 -18.67
N ILE C 99 16.21 -18.55 -19.43
CA ILE C 99 17.09 -17.45 -19.05
C ILE C 99 16.74 -16.15 -19.77
N GLY C 100 16.78 -15.05 -19.04
CA GLY C 100 16.47 -13.75 -19.58
C GLY C 100 15.04 -13.35 -19.32
N GLU C 101 14.66 -12.18 -19.82
CA GLU C 101 13.30 -11.70 -19.73
C GLU C 101 12.31 -12.51 -20.59
N VAL C 102 11.11 -12.71 -20.08
CA VAL C 102 10.05 -13.38 -20.83
C VAL C 102 9.72 -12.57 -22.09
N PRO C 103 9.95 -13.15 -23.26
CA PRO C 103 9.65 -12.45 -24.51
C PRO C 103 8.16 -12.48 -24.81
N LYS C 104 7.73 -11.55 -25.65
CA LYS C 104 6.32 -11.34 -25.93
C LYS C 104 5.65 -12.61 -26.47
N GLU C 105 6.37 -13.37 -27.27
CA GLU C 105 5.84 -14.60 -27.82
C GLU C 105 5.42 -15.59 -26.72
N LEU C 106 6.17 -15.60 -25.61
CA LEU C 106 5.90 -16.54 -24.55
C LEU C 106 4.72 -16.04 -23.71
N GLU C 107 4.71 -14.74 -23.44
CA GLU C 107 3.61 -14.12 -22.71
C GLU C 107 2.31 -14.37 -23.45
N GLU C 108 2.34 -14.18 -24.77
CA GLU C 108 1.18 -14.41 -25.62
C GLU C 108 0.71 -15.86 -25.61
N PHE C 109 1.63 -16.81 -25.57
CA PHE C 109 1.26 -18.21 -25.43
C PHE C 109 0.50 -18.42 -24.11
N SER C 110 1.02 -17.86 -23.02
CA SER C 110 0.43 -18.04 -21.71
C SER C 110 -1.00 -17.52 -21.66
N LEU C 111 -1.20 -16.29 -22.16
CA LEU C 111 -2.53 -15.72 -22.22
C LEU C 111 -3.41 -16.57 -23.11
N ARG C 112 -2.83 -17.10 -24.17
CA ARG C 112 -3.58 -17.94 -25.09
C ARG C 112 -3.94 -19.28 -24.44
N ALA C 113 -3.02 -19.84 -23.67
CA ALA C 113 -3.24 -21.15 -23.04
C ALA C 113 -4.38 -21.09 -22.04
N LEU C 114 -4.67 -19.88 -21.58
CA LEU C 114 -5.67 -19.67 -20.55
C LEU C 114 -7.04 -19.31 -21.14
N ARG C 115 -7.05 -18.81 -22.37
CA ARG C 115 -8.29 -18.43 -23.05
C ARG C 115 -8.90 -19.62 -23.75
N GLU C 116 -8.04 -20.50 -24.26
CA GLU C 116 -8.46 -21.56 -25.14
C GLU C 116 -7.58 -22.80 -25.02
N HIS C 117 -7.87 -23.80 -25.87
CA HIS C 117 -7.12 -25.04 -25.89
C HIS C 117 -5.86 -24.90 -26.75
N VAL C 118 -4.73 -25.31 -26.20
CA VAL C 118 -3.47 -25.32 -26.93
C VAL C 118 -2.87 -26.71 -26.91
N THR C 119 -2.20 -27.07 -28.00
CA THR C 119 -1.67 -28.42 -28.16
C THR C 119 -0.27 -28.56 -27.57
N ILE C 120 0.19 -29.81 -27.43
CA ILE C 120 1.56 -30.05 -26.99
C ILE C 120 2.53 -29.57 -28.08
N GLU C 121 2.08 -29.66 -29.32
CA GLU C 121 2.90 -29.24 -30.45
C GLU C 121 3.16 -27.74 -30.39
N GLU C 122 2.10 -26.96 -30.21
CA GLU C 122 2.26 -25.50 -30.10
C GLU C 122 3.21 -25.18 -28.97
N ALA C 123 3.21 -26.01 -27.93
CA ALA C 123 4.06 -25.77 -26.77
C ALA C 123 5.52 -26.06 -27.09
N GLU C 124 5.77 -27.20 -27.72
CA GLU C 124 7.11 -27.53 -28.18
C GLU C 124 7.65 -26.41 -29.07
N HIS C 125 6.82 -25.92 -29.98
CA HIS C 125 7.21 -24.91 -30.96
C HIS C 125 7.60 -23.59 -30.32
N VAL C 126 6.94 -23.28 -29.21
CA VAL C 126 7.12 -22.00 -28.53
C VAL C 126 8.34 -22.06 -27.63
N ALA C 127 8.53 -23.20 -26.98
CA ALA C 127 9.73 -23.43 -26.16
C ALA C 127 11.02 -23.34 -26.99
N ARG C 128 10.99 -23.92 -28.18
CA ARG C 128 12.12 -23.82 -29.10
C ARG C 128 12.32 -22.36 -29.53
N LYS C 129 11.23 -21.69 -29.91
CA LYS C 129 11.31 -20.31 -30.39
C LYS C 129 11.77 -19.28 -29.36
N VAL C 130 11.58 -19.57 -28.08
CA VAL C 130 11.96 -18.62 -27.04
C VAL C 130 13.21 -19.12 -26.32
N ASN C 131 13.75 -20.25 -26.77
CA ASN C 131 14.97 -20.79 -26.22
C ASN C 131 14.80 -21.33 -24.81
N ALA C 132 13.60 -21.80 -24.47
CA ALA C 132 13.44 -22.44 -23.16
C ALA C 132 14.06 -23.82 -23.23
N GLU C 133 14.57 -24.30 -22.10
CA GLU C 133 14.95 -25.70 -22.05
C GLU C 133 13.83 -26.50 -21.42
N VAL C 134 13.36 -27.51 -22.13
CA VAL C 134 12.35 -28.41 -21.61
C VAL C 134 12.99 -29.71 -21.17
N TYR C 135 13.13 -29.90 -19.87
CA TYR C 135 13.73 -31.11 -19.35
C TYR C 135 12.73 -32.26 -19.32
N GLY C 140 4.26 -35.98 -21.41
CA GLY C 140 3.16 -35.42 -20.62
C GLY C 140 2.84 -33.97 -20.93
N ARG C 141 1.55 -33.66 -20.99
CA ARG C 141 1.08 -32.29 -21.23
C ARG C 141 1.62 -31.29 -20.20
N GLY C 142 2.63 -31.70 -19.45
CA GLY C 142 3.21 -30.87 -18.40
C GLY C 142 3.92 -29.64 -18.92
N ILE C 143 4.35 -29.71 -20.18
CA ILE C 143 5.09 -28.62 -20.82
C ILE C 143 4.19 -27.43 -21.07
N ILE C 144 2.94 -27.69 -21.47
CA ILE C 144 1.97 -26.61 -21.65
C ILE C 144 1.80 -25.74 -20.40
N GLY C 145 1.75 -26.39 -19.23
CA GLY C 145 1.60 -25.66 -17.98
C GLY C 145 2.89 -25.01 -17.51
N GLY C 146 3.98 -25.76 -17.59
CA GLY C 146 5.28 -25.22 -17.22
C GLY C 146 5.59 -23.94 -17.98
N LEU C 147 5.36 -23.95 -19.29
CA LEU C 147 5.62 -22.80 -20.15
C LEU C 147 4.72 -21.63 -19.81
N ALA C 148 3.43 -21.90 -19.73
CA ALA C 148 2.43 -20.86 -19.47
C ALA C 148 2.64 -20.25 -18.11
N ALA C 149 3.04 -21.07 -17.14
CA ALA C 149 3.25 -20.54 -15.81
C ALA C 149 4.36 -19.49 -15.86
N ILE C 150 5.44 -19.80 -16.57
CA ILE C 150 6.58 -18.89 -16.70
C ILE C 150 6.20 -17.57 -17.35
N GLY C 151 5.45 -17.65 -18.45
CA GLY C 151 5.08 -16.48 -19.20
C GLY C 151 3.86 -15.68 -18.71
N TYR C 152 3.21 -16.12 -17.63
CA TYR C 152 1.97 -15.45 -17.23
C TYR C 152 2.18 -14.05 -16.64
N PRO C 153 1.59 -13.04 -17.28
CA PRO C 153 1.66 -11.67 -16.77
C PRO C 153 0.71 -11.49 -15.58
N LEU C 154 1.23 -11.39 -14.37
CA LEU C 154 0.39 -11.20 -13.20
C LEU C 154 0.16 -9.74 -12.90
N GLU C 155 -0.43 -9.06 -13.85
CA GLU C 155 -0.95 -7.72 -13.62
C GLU C 155 -2.04 -7.83 -12.55
N LYS C 156 -2.89 -8.86 -12.67
CA LYS C 156 -3.92 -9.13 -11.66
C LYS C 156 -3.68 -10.48 -10.99
N PHE C 157 -3.69 -10.51 -9.66
CA PHE C 157 -3.48 -11.76 -8.92
C PHE C 157 -4.11 -11.65 -7.54
N THR C 158 -4.25 -12.79 -6.86
CA THR C 158 -4.52 -12.79 -5.44
C THR C 158 -3.39 -13.57 -4.77
N TYR C 159 -3.19 -13.34 -3.47
CA TYR C 159 -2.26 -14.17 -2.73
C TYR C 159 -2.95 -15.47 -2.36
N GLU C 160 -2.19 -16.55 -2.31
CA GLU C 160 -2.71 -17.82 -1.82
C GLU C 160 -1.65 -18.45 -0.94
N LEU C 161 -1.91 -18.46 0.35
CA LEU C 161 -1.05 -19.07 1.32
C LEU C 161 -1.52 -20.51 1.52
N LEU C 162 -0.59 -21.44 1.41
CA LEU C 162 -0.90 -22.86 1.51
C LEU C 162 -0.04 -23.49 2.61
N ALA C 163 -0.68 -24.08 3.62
CA ALA C 163 0.05 -24.82 4.66
C ALA C 163 0.03 -26.31 4.38
N TYR C 164 1.14 -26.98 4.63
CA TYR C 164 1.29 -28.37 4.23
C TYR C 164 1.40 -29.32 5.41
N ARG C 165 0.86 -30.53 5.26
CA ARG C 165 0.84 -31.54 6.32
C ARG C 165 2.13 -32.34 6.35
N LYS C 166 2.52 -32.80 7.54
CA LYS C 166 3.59 -33.79 7.65
C LYS C 166 3.11 -35.10 7.04
N ARG C 167 4.03 -35.83 6.42
CA ARG C 167 3.68 -37.07 5.73
C ARG C 167 2.92 -38.06 6.61
N GLU C 168 3.17 -38.04 7.91
CA GLU C 168 2.49 -38.95 8.82
C GLU C 168 0.95 -38.76 8.83
N TYR C 169 0.51 -37.57 8.45
CA TYR C 169 -0.92 -37.27 8.46
C TYR C 169 -1.60 -37.40 7.08
N TRP C 170 -0.81 -37.57 6.01
CA TRP C 170 -1.41 -37.68 4.68
C TRP C 170 -2.40 -38.83 4.69
N GLY C 171 -3.62 -38.58 4.23
CA GLY C 171 -4.64 -39.62 4.27
C GLY C 171 -5.36 -39.67 5.61
N THR C 172 -4.86 -38.92 6.58
CA THR C 172 -5.49 -38.78 7.88
C THR C 172 -6.51 -37.63 7.86
N PRO C 173 -7.63 -37.80 8.56
CA PRO C 173 -8.64 -36.76 8.73
C PRO C 173 -8.04 -35.43 9.19
N ARG C 174 -8.47 -34.34 8.58
CA ARG C 174 -7.83 -33.05 8.79
C ARG C 174 -8.22 -32.41 10.13
N ARG C 175 -7.20 -32.05 10.91
CA ARG C 175 -7.37 -31.52 12.26
C ARG C 175 -7.21 -30.01 12.24
N VAL C 176 -8.29 -29.32 11.91
CA VAL C 176 -8.25 -27.87 11.78
C VAL C 176 -9.63 -27.32 12.10
N ILE C 177 -9.68 -26.35 12.99
CA ILE C 177 -10.94 -25.83 13.48
C ILE C 177 -11.17 -24.38 13.08
N LYS C 178 -12.20 -24.15 12.28
CA LYS C 178 -12.55 -22.80 11.87
C LYS C 178 -13.45 -22.16 12.90
N GLU C 179 -12.89 -21.19 13.64
CA GLU C 179 -13.67 -20.49 14.64
C GLU C 179 -14.20 -19.18 14.07
N SER C 180 -15.46 -18.91 14.33
CA SER C 180 -16.09 -17.66 13.90
C SER C 180 -15.58 -16.50 14.75
N VAL C 181 -14.87 -15.58 14.11
CA VAL C 181 -14.39 -14.39 14.77
C VAL C 181 -14.66 -13.21 13.85
N PHE C 182 -14.65 -12.01 14.43
CA PHE C 182 -14.69 -10.80 13.65
C PHE C 182 -13.25 -10.47 13.27
N TYR C 183 -13.08 -9.77 12.17
CA TYR C 183 -11.77 -9.32 11.72
C TYR C 183 -11.75 -7.77 11.71
N ALA C 184 -10.57 -7.18 11.61
CA ALA C 184 -10.41 -5.73 11.57
C ALA C 184 -10.36 -5.20 10.16
N ASP C 185 -11.14 -4.16 9.90
CA ASP C 185 -11.36 -3.64 8.55
C ASP C 185 -11.56 -2.14 8.60
N LYS C 186 -10.66 -1.39 7.97
CA LYS C 186 -10.77 0.07 7.98
C LYS C 186 -12.16 0.52 7.51
N TRP C 187 -12.65 -0.10 6.45
CA TRP C 187 -13.89 0.37 5.82
C TRP C 187 -15.09 0.29 6.77
N SER C 188 -14.98 -0.51 7.82
CA SER C 188 -16.13 -0.70 8.68
C SER C 188 -16.13 0.25 9.87
N TYR C 189 -15.07 1.03 10.01
CA TYR C 189 -15.02 1.95 11.15
C TYR C 189 -16.28 2.83 11.35
N PRO C 190 -16.84 3.39 10.27
CA PRO C 190 -18.00 4.28 10.43
C PRO C 190 -19.30 3.52 10.72
N PHE C 191 -19.27 2.19 10.61
CA PHE C 191 -20.47 1.38 10.76
C PHE C 191 -20.67 0.83 12.16
N THR C 192 -21.88 0.37 12.42
CA THR C 192 -22.22 -0.19 13.72
C THR C 192 -21.54 -1.56 13.80
N TYR C 193 -21.35 -2.10 14.99
CA TYR C 193 -20.50 -3.29 15.11
C TYR C 193 -21.03 -4.53 14.40
N ASP C 194 -22.33 -4.57 14.14
CA ASP C 194 -22.94 -5.74 13.49
C ASP C 194 -22.99 -5.60 11.96
N ASN C 195 -22.46 -4.48 11.46
CA ASN C 195 -22.30 -4.29 10.03
C ASN C 195 -21.96 -5.63 9.36
N VAL C 196 -22.52 -5.86 8.18
CA VAL C 196 -22.29 -7.12 7.46
C VAL C 196 -21.39 -6.90 6.26
N ASP C 197 -20.54 -7.88 5.96
CA ASP C 197 -19.61 -7.79 4.85
C ASP C 197 -20.30 -8.01 3.51
N PRO C 198 -20.38 -6.98 2.66
CA PRO C 198 -21.01 -7.20 1.36
C PRO C 198 -20.25 -8.21 0.48
N TYR C 199 -18.94 -8.32 0.69
CA TYR C 199 -18.10 -9.23 -0.08
C TYR C 199 -17.14 -9.98 0.85
N LYS C 200 -17.00 -11.27 0.61
CA LYS C 200 -15.96 -12.03 1.28
C LYS C 200 -14.76 -12.00 0.36
N ARG C 201 -13.85 -11.07 0.64
CA ARG C 201 -12.64 -10.89 -0.16
CA ARG C 201 -12.65 -10.89 -0.16
C ARG C 201 -11.55 -11.91 0.21
N THR C 202 -11.65 -12.47 1.41
CA THR C 202 -10.69 -13.46 1.86
C THR C 202 -11.41 -14.78 2.08
N VAL C 203 -10.88 -15.86 1.51
CA VAL C 203 -11.53 -17.14 1.62
C VAL C 203 -10.57 -18.26 2.05
N LEU C 204 -11.12 -19.21 2.79
CA LEU C 204 -10.41 -20.38 3.27
C LEU C 204 -10.52 -21.44 2.21
N ILE C 205 -9.47 -22.25 2.08
CA ILE C 205 -9.48 -23.39 1.20
C ILE C 205 -9.40 -24.60 2.10
N THR C 206 -10.34 -25.53 1.95
CA THR C 206 -10.41 -26.68 2.83
C THR C 206 -10.39 -27.99 2.03
N PRO C 207 -9.17 -28.52 1.79
CA PRO C 207 -8.94 -29.70 0.93
C PRO C 207 -9.47 -30.98 1.55
N HIS C 208 -9.52 -32.07 0.78
CA HIS C 208 -9.96 -33.37 1.30
C HIS C 208 -9.15 -34.51 0.69
N GLY C 209 -9.01 -35.62 1.42
CA GLY C 209 -8.27 -36.75 0.90
C GLY C 209 -6.75 -36.67 1.02
N LYS C 210 -6.05 -37.54 0.28
CA LYS C 210 -4.61 -37.75 0.44
C LYS C 210 -3.78 -36.50 0.16
N ASP C 211 -4.47 -35.46 -0.31
CA ASP C 211 -3.87 -34.16 -0.57
C ASP C 211 -3.06 -33.65 0.63
N PRO C 212 -1.78 -33.31 0.40
CA PRO C 212 -0.84 -32.86 1.44
C PRO C 212 -1.07 -31.44 1.97
N VAL C 213 -1.91 -30.68 1.29
CA VAL C 213 -2.24 -29.36 1.81
C VAL C 213 -3.15 -29.53 3.01
N LEU C 214 -2.80 -28.91 4.13
CA LEU C 214 -3.64 -28.95 5.34
C LEU C 214 -4.79 -27.97 5.23
N VAL C 215 -4.48 -26.75 4.81
CA VAL C 215 -5.45 -25.68 4.73
C VAL C 215 -4.76 -24.51 4.00
N GLY C 216 -5.55 -23.62 3.41
CA GLY C 216 -5.02 -22.50 2.67
C GLY C 216 -5.94 -21.30 2.76
N ILE C 217 -5.41 -20.14 2.42
CA ILE C 217 -6.18 -18.90 2.46
C ILE C 217 -5.93 -18.14 1.19
N ARG C 218 -7.00 -17.64 0.58
CA ARG C 218 -6.88 -16.79 -0.60
C ARG C 218 -7.46 -15.42 -0.36
N GLY C 219 -6.72 -14.40 -0.76
CA GLY C 219 -7.20 -13.05 -0.67
C GLY C 219 -6.26 -12.10 -1.35
N ILE C 220 -6.60 -10.82 -1.36
CA ILE C 220 -5.79 -9.82 -2.05
C ILE C 220 -4.95 -8.95 -1.11
N ASP C 221 -5.26 -8.99 0.18
CA ASP C 221 -4.52 -8.16 1.13
C ASP C 221 -3.73 -9.06 2.07
N VAL C 222 -2.42 -8.86 2.12
CA VAL C 222 -1.56 -9.69 2.93
C VAL C 222 -1.89 -9.60 4.42
N GLY C 223 -2.17 -8.40 4.91
CA GLY C 223 -2.51 -8.22 6.31
C GLY C 223 -3.78 -8.98 6.69
N LYS C 224 -4.75 -9.00 5.76
CA LYS C 224 -6.01 -9.66 6.00
C LYS C 224 -5.83 -11.18 5.96
N ILE C 225 -4.88 -11.63 5.14
CA ILE C 225 -4.54 -13.04 5.11
C ILE C 225 -3.89 -13.46 6.43
N LEU C 226 -3.02 -12.60 6.96
CA LEU C 226 -2.43 -12.82 8.26
C LEU C 226 -3.49 -12.91 9.36
N GLN C 227 -4.45 -11.98 9.35
CA GLN C 227 -5.53 -11.98 10.33
C GLN C 227 -6.23 -13.33 10.34
N VAL C 228 -6.62 -13.80 9.15
CA VAL C 228 -7.23 -15.11 9.00
C VAL C 228 -6.32 -16.25 9.42
N PHE C 229 -5.06 -16.15 9.04
CA PHE C 229 -4.12 -17.23 9.23
C PHE C 229 -3.88 -17.45 10.72
N GLU C 230 -3.61 -16.36 11.44
CA GLU C 230 -3.27 -16.48 12.85
C GLU C 230 -4.46 -17.02 13.65
N MSE C 231 -5.66 -16.83 13.14
CA MSE C 231 -6.85 -17.17 13.91
C MSE C 231 -7.29 -18.64 13.68
O MSE C 231 -8.06 -19.18 14.45
CB MSE C 231 -7.97 -16.19 13.58
CG MSE C 231 -8.94 -15.96 14.73
SE MSE C 231 -8.20 -14.96 16.24
CE MSE C 231 -8.22 -13.16 15.54
N ILE C 232 -6.76 -19.27 12.64
CA ILE C 232 -7.12 -20.66 12.39
C ILE C 232 -6.56 -21.56 13.48
N LYS C 233 -7.42 -22.42 14.02
CA LYS C 233 -7.02 -23.31 15.11
C LYS C 233 -6.47 -24.59 14.51
N ILE C 234 -5.15 -24.76 14.57
CA ILE C 234 -4.52 -25.88 13.87
C ILE C 234 -3.99 -26.93 14.84
N GLU C 235 -4.70 -28.05 14.95
CA GLU C 235 -4.37 -29.11 15.90
C GLU C 235 -3.44 -30.20 15.37
N GLU C 236 -2.78 -29.97 14.25
CA GLU C 236 -1.73 -30.86 13.78
C GLU C 236 -0.59 -29.98 13.28
N PRO C 237 0.65 -30.49 13.33
CA PRO C 237 1.81 -29.67 12.97
C PRO C 237 1.92 -29.39 11.47
N ILE C 238 2.02 -28.10 11.13
CA ILE C 238 2.33 -27.64 9.78
C ILE C 238 3.79 -27.96 9.45
N GLU C 239 3.99 -28.83 8.47
CA GLU C 239 5.33 -29.10 7.95
C GLU C 239 5.99 -27.82 7.45
N PHE C 240 5.31 -27.10 6.56
CA PHE C 240 5.71 -25.75 6.22
C PHE C 240 4.57 -25.11 5.47
N PHE C 241 4.65 -23.81 5.28
CA PHE C 241 3.68 -23.14 4.44
C PHE C 241 4.38 -22.25 3.43
N GLN C 242 3.68 -21.96 2.33
CA GLN C 242 4.23 -21.17 1.24
C GLN C 242 3.16 -20.22 0.71
N VAL C 243 3.53 -18.95 0.57
CA VAL C 243 2.69 -17.95 -0.09
C VAL C 243 2.91 -17.95 -1.62
N TYR C 244 1.82 -18.05 -2.36
CA TYR C 244 1.86 -18.00 -3.81
C TYR C 244 1.10 -16.79 -4.30
N LYS C 245 1.47 -16.30 -5.48
CA LYS C 245 0.62 -15.38 -6.23
C LYS C 245 -0.04 -16.18 -7.33
N THR C 246 -1.35 -15.98 -7.50
CA THR C 246 -2.11 -16.82 -8.41
C THR C 246 -3.03 -15.97 -9.29
N ASN C 247 -3.33 -16.48 -10.48
CA ASN C 247 -4.29 -15.84 -11.37
C ASN C 247 -5.71 -16.24 -10.96
N GLN C 248 -5.94 -16.48 -9.68
CA GLN C 248 -7.27 -16.89 -9.25
C GLN C 248 -7.92 -15.79 -8.47
N ASN C 249 -9.24 -15.69 -8.56
CA ASN C 249 -9.95 -14.65 -7.82
C ASN C 249 -10.59 -15.23 -6.57
N THR C 250 -10.76 -14.37 -5.58
CA THR C 250 -11.28 -14.78 -4.28
C THR C 250 -12.80 -14.75 -4.23
N MSE D 1 -19.94 1.62 19.51
CA MSE D 1 -19.22 1.90 20.75
C MSE D 1 -17.81 1.26 20.81
O MSE D 1 -17.62 0.08 20.48
CB MSE D 1 -20.04 1.46 21.94
CG MSE D 1 -19.24 1.47 23.23
SE MSE D 1 -20.24 1.10 24.84
CE MSE D 1 -21.36 2.71 24.86
N LEU D 2 -16.83 2.03 21.26
CA LEU D 2 -15.48 1.51 21.43
C LEU D 2 -15.24 1.06 22.86
N ILE D 3 -14.64 -0.11 23.01
CA ILE D 3 -14.09 -0.49 24.30
C ILE D 3 -12.59 -0.80 24.17
N HIS D 4 -11.80 -0.34 25.13
CA HIS D 4 -10.35 -0.54 25.13
C HIS D 4 -9.91 -1.38 26.34
N ILE D 5 -8.97 -2.31 26.10
CA ILE D 5 -8.47 -3.15 27.15
C ILE D 5 -6.95 -3.06 27.23
N GLY D 6 -6.43 -2.86 28.43
CA GLY D 6 -4.98 -2.73 28.57
C GLY D 6 -4.51 -3.60 29.70
N ILE D 7 -3.37 -4.23 29.52
CA ILE D 7 -2.79 -5.07 30.55
C ILE D 7 -1.30 -4.86 30.64
N ASP D 8 -0.73 -5.07 31.83
CA ASP D 8 0.69 -4.96 32.06
C ASP D 8 0.97 -5.56 33.42
N ASP D 9 2.18 -6.05 33.67
CA ASP D 9 2.50 -6.56 35.02
C ASP D 9 3.96 -6.83 35.30
N THR D 10 4.25 -7.06 36.57
CA THR D 10 5.60 -7.41 37.02
C THR D 10 5.65 -8.84 37.56
N MSE D 16 7.21 -11.51 28.96
CA MSE D 16 6.97 -12.96 28.92
CA MSE D 16 6.96 -12.96 28.98
C MSE D 16 5.50 -13.31 28.69
O MSE D 16 5.04 -13.40 27.52
CB MSE D 16 7.49 -13.64 30.19
CB MSE D 16 7.37 -13.53 30.34
CG MSE D 16 9.01 -13.67 30.28
CG MSE D 16 6.99 -12.64 31.53
SE MSE D 16 9.71 -15.18 31.31
SE MSE D 16 7.27 -13.49 33.26
CE MSE D 16 11.59 -14.98 30.82
CE MSE D 16 6.55 -12.09 34.42
N CYS D 17 4.76 -13.50 29.78
CA CYS D 17 3.37 -13.91 29.67
C CYS D 17 2.42 -12.80 29.24
N TPO D 18 2.88 -11.55 29.25
CA TPO D 18 2.02 -10.40 28.93
CB TPO D 18 2.71 -9.06 29.26
CG2 TPO D 18 1.81 -7.92 28.77
OG1 TPO D 18 2.88 -8.90 30.67
P TPO D 18 4.45 -8.86 31.06
O1P TPO D 18 4.64 -9.37 32.44
O2P TPO D 18 5.30 -9.82 30.08
O3P TPO D 18 5.00 -7.35 30.99
C TPO D 18 1.49 -10.41 27.51
O TPO D 18 0.28 -10.28 27.27
N THR D 19 2.40 -10.58 26.54
CA THR D 19 1.97 -10.68 25.14
C THR D 19 1.23 -11.98 24.88
N TYR D 20 1.50 -13.00 25.69
CA TYR D 20 0.83 -14.28 25.56
C TYR D 20 -0.62 -14.17 26.01
N ILE D 21 -0.82 -13.65 27.22
CA ILE D 21 -2.15 -13.34 27.74
C ILE D 21 -2.86 -12.33 26.84
N GLY D 22 -2.13 -11.30 26.40
CA GLY D 22 -2.67 -10.33 25.47
C GLY D 22 -3.19 -10.99 24.19
N ALA D 23 -2.41 -11.90 23.62
CA ALA D 23 -2.84 -12.62 22.43
C ALA D 23 -4.11 -13.46 22.67
N ILE D 24 -4.16 -14.15 23.80
CA ILE D 24 -5.35 -14.91 24.15
C ILE D 24 -6.58 -14.00 24.26
N LEU D 25 -6.42 -12.85 24.90
CA LEU D 25 -7.56 -11.92 25.05
C LEU D 25 -8.08 -11.44 23.70
N TYR D 26 -7.16 -11.08 22.81
CA TYR D 26 -7.51 -10.60 21.48
C TYR D 26 -8.24 -11.68 20.70
N ARG D 27 -7.80 -12.92 20.88
CA ARG D 27 -8.36 -14.04 20.14
C ARG D 27 -9.75 -14.39 20.64
N GLU D 28 -9.94 -14.39 21.96
CA GLU D 28 -11.26 -14.70 22.56
C GLU D 28 -12.28 -13.58 22.32
N ILE D 29 -11.85 -12.34 22.49
CA ILE D 29 -12.75 -11.22 22.34
C ILE D 29 -13.17 -11.05 20.87
N SER D 30 -12.27 -11.38 19.95
CA SER D 30 -12.58 -11.37 18.53
C SER D 30 -13.80 -12.24 18.17
N LYS D 31 -14.13 -13.20 19.01
CA LYS D 31 -15.34 -14.03 18.84
C LYS D 31 -16.65 -13.28 19.08
N ILE D 32 -16.63 -12.22 19.89
CA ILE D 32 -17.87 -11.54 20.23
C ILE D 32 -17.84 -10.05 19.90
N ALA D 33 -16.68 -9.56 19.48
CA ALA D 33 -16.54 -8.15 19.22
C ALA D 33 -15.59 -7.90 18.06
N GLU D 34 -15.77 -6.74 17.43
CA GLU D 34 -15.07 -6.40 16.21
C GLU D 34 -13.80 -5.61 16.51
N PRO D 35 -12.64 -6.21 16.26
CA PRO D 35 -11.41 -5.50 16.61
C PRO D 35 -11.19 -4.30 15.69
N LEU D 36 -10.55 -3.24 16.17
CA LEU D 36 -10.22 -2.09 15.34
C LEU D 36 -8.98 -2.34 14.49
N ASP D 37 -8.08 -3.15 15.03
CA ASP D 37 -6.77 -3.36 14.48
C ASP D 37 -6.10 -4.50 15.23
N PHE D 38 -4.91 -4.88 14.79
CA PHE D 38 -4.09 -5.81 15.56
C PHE D 38 -3.89 -5.25 16.96
N PRO D 39 -3.68 -6.11 17.96
CA PRO D 39 -3.34 -5.59 19.29
C PRO D 39 -2.05 -4.80 19.23
N ARG D 40 -1.84 -3.96 20.22
CA ARG D 40 -0.66 -3.11 20.23
C ARG D 40 0.25 -3.42 21.42
N LEU D 41 1.54 -3.54 21.12
CA LEU D 41 2.55 -3.76 22.15
C LEU D 41 3.31 -2.47 22.37
N ILE D 42 3.20 -1.93 23.58
CA ILE D 42 3.80 -0.66 23.89
C ILE D 42 4.90 -0.84 24.92
N ARG D 43 6.12 -0.53 24.51
CA ARG D 43 7.27 -0.60 25.40
C ARG D 43 7.59 0.81 25.89
N LEU D 44 7.61 0.98 27.21
CA LEU D 44 7.84 2.29 27.81
C LEU D 44 9.31 2.73 27.77
N ASN D 45 10.22 1.79 27.53
CA ASN D 45 11.63 2.11 27.34
C ASN D 45 12.25 1.48 26.09
N PRO D 46 12.61 2.33 25.12
CA PRO D 46 12.96 2.02 23.73
C PRO D 46 13.54 0.62 23.54
N GLY D 56 6.00 -5.72 26.95
CA GLY D 56 5.84 -4.59 27.85
C GLY D 56 4.43 -4.43 28.39
N ALA D 57 3.62 -3.64 27.69
CA ALA D 57 2.21 -3.49 27.98
C ALA D 57 1.41 -3.76 26.72
N VAL D 58 0.25 -4.37 26.86
CA VAL D 58 -0.56 -4.66 25.69
C VAL D 58 -1.90 -3.95 25.82
N ALA D 59 -2.44 -3.53 24.69
CA ALA D 59 -3.76 -2.97 24.66
C ALA D 59 -4.44 -3.40 23.37
N MSE D 60 -5.76 -3.23 23.31
CA MSE D 60 -6.49 -3.56 22.10
C MSE D 60 -7.80 -2.81 22.15
O MSE D 60 -8.24 -2.36 23.21
CB MSE D 60 -6.73 -5.06 22.03
CG MSE D 60 -7.56 -5.58 23.19
SE MSE D 60 -7.26 -7.47 23.58
CE MSE D 60 -5.47 -7.33 24.38
N SER D 61 -8.45 -2.68 21.01
CA SER D 61 -9.63 -1.85 20.91
C SER D 61 -10.65 -2.57 20.07
N PHE D 62 -11.85 -2.71 20.61
CA PHE D 62 -12.93 -3.43 19.92
C PHE D 62 -14.19 -2.58 19.75
N LYS D 63 -14.93 -2.86 18.70
CA LYS D 63 -16.23 -2.26 18.54
C LYS D 63 -17.34 -3.17 19.08
N ILE D 64 -18.17 -2.59 19.97
CA ILE D 64 -19.31 -3.28 20.57
C ILE D 64 -20.52 -2.35 20.63
N ASP D 65 -21.59 -2.84 21.24
CA ASP D 65 -22.70 -1.99 21.65
C ASP D 65 -22.79 -2.00 23.18
N GLU D 66 -23.59 -1.09 23.73
CA GLU D 66 -23.69 -0.98 25.18
C GLU D 66 -24.00 -2.34 25.82
N GLU D 67 -24.82 -3.14 25.17
CA GLU D 67 -25.24 -4.44 25.70
C GLU D 67 -24.10 -5.39 26.03
N LYS D 68 -22.95 -5.21 25.37
CA LYS D 68 -21.89 -6.21 25.44
C LYS D 68 -20.78 -5.86 26.41
N ILE D 69 -20.90 -4.73 27.09
CA ILE D 69 -19.83 -4.25 27.95
C ILE D 69 -19.50 -5.28 29.03
N LYS D 70 -20.52 -5.71 29.76
CA LYS D 70 -20.32 -6.66 30.84
C LYS D 70 -19.76 -7.96 30.29
N GLU D 71 -20.26 -8.36 29.13
CA GLU D 71 -19.86 -9.62 28.52
C GLU D 71 -18.34 -9.60 28.25
N VAL D 72 -17.85 -8.51 27.65
CA VAL D 72 -16.42 -8.34 27.41
C VAL D 72 -15.61 -8.29 28.71
N LYS D 73 -16.04 -7.44 29.65
CA LYS D 73 -15.36 -7.30 30.93
C LYS D 73 -15.25 -8.63 31.64
N THR D 74 -16.38 -9.31 31.74
CA THR D 74 -16.47 -10.60 32.39
C THR D 74 -15.55 -11.60 31.70
N LEU D 75 -15.58 -11.61 30.37
CA LEU D 75 -14.70 -12.47 29.59
C LEU D 75 -13.23 -12.20 29.93
N VAL D 76 -12.81 -10.94 29.86
CA VAL D 76 -11.41 -10.60 30.11
C VAL D 76 -10.95 -11.04 31.49
N ILE D 77 -11.68 -10.60 32.52
CA ILE D 77 -11.41 -10.96 33.90
C ILE D 77 -11.26 -12.49 34.09
N ARG D 78 -12.13 -13.26 33.44
CA ARG D 78 -12.06 -14.70 33.51
C ARG D 78 -10.76 -15.30 32.93
N TYR D 79 -10.36 -14.81 31.75
CA TYR D 79 -9.17 -15.38 31.11
C TYR D 79 -7.88 -14.98 31.80
N VAL D 80 -7.78 -13.74 32.26
CA VAL D 80 -6.57 -13.30 32.94
C VAL D 80 -6.35 -14.07 34.23
N ARG D 81 -7.43 -14.42 34.92
CA ARG D 81 -7.32 -15.16 36.17
C ARG D 81 -7.00 -16.65 35.95
N GLU D 82 -7.69 -17.29 35.01
CA GLU D 82 -7.35 -18.65 34.63
C GLU D 82 -5.86 -18.78 34.36
N LEU D 83 -5.28 -17.77 33.73
CA LEU D 83 -3.84 -17.74 33.43
C LEU D 83 -3.05 -17.08 34.55
N PRO D 93 -1.60 -9.07 37.88
CA PRO D 93 -1.54 -8.24 36.67
C PRO D 93 -2.67 -7.23 36.65
N GLY D 94 -2.35 -5.98 36.32
CA GLY D 94 -3.36 -4.93 36.28
C GLY D 94 -4.15 -4.94 34.99
N ILE D 95 -5.46 -4.84 35.12
CA ILE D 95 -6.31 -4.71 33.94
C ILE D 95 -6.95 -3.33 33.90
N VAL D 96 -6.87 -2.67 32.75
CA VAL D 96 -7.48 -1.36 32.57
C VAL D 96 -8.51 -1.39 31.44
N PHE D 97 -9.73 -0.90 31.73
CA PHE D 97 -10.77 -0.79 30.70
C PHE D 97 -11.11 0.67 30.42
N LEU D 98 -11.55 0.95 29.19
CA LEU D 98 -12.05 2.26 28.86
C LEU D 98 -13.14 2.16 27.80
N ILE D 99 -14.20 2.95 27.96
CA ILE D 99 -15.26 3.03 26.96
C ILE D 99 -15.28 4.36 26.23
N GLY D 100 -15.56 4.34 24.93
CA GLY D 100 -15.52 5.53 24.11
C GLY D 100 -14.14 5.81 23.50
N GLU D 101 -14.06 6.89 22.74
CA GLU D 101 -12.81 7.35 22.14
C GLU D 101 -11.79 7.71 23.22
N VAL D 102 -10.51 7.62 22.90
CA VAL D 102 -9.47 7.99 23.84
C VAL D 102 -9.33 9.52 23.87
N PRO D 103 -9.46 10.12 25.05
CA PRO D 103 -9.45 11.58 25.17
C PRO D 103 -8.04 12.13 25.15
N LYS D 104 -7.93 13.42 24.89
CA LYS D 104 -6.64 14.08 24.71
C LYS D 104 -5.76 13.85 25.93
N GLU D 105 -6.36 13.95 27.11
CA GLU D 105 -5.62 13.77 28.35
C GLU D 105 -4.95 12.41 28.50
N LEU D 106 -5.54 11.36 27.96
CA LEU D 106 -4.96 10.02 28.10
C LEU D 106 -3.83 9.86 27.10
N GLU D 107 -4.08 10.28 25.87
CA GLU D 107 -3.07 10.27 24.83
C GLU D 107 -1.83 11.01 25.30
N GLU D 108 -2.02 12.16 25.95
CA GLU D 108 -0.91 12.98 26.41
C GLU D 108 -0.13 12.28 27.52
N PHE D 109 -0.83 11.61 28.43
CA PHE D 109 -0.16 10.81 29.43
C PHE D 109 0.61 9.66 28.77
N SER D 110 0.01 9.04 27.76
CA SER D 110 0.67 7.93 27.11
C SER D 110 2.01 8.39 26.52
N LEU D 111 1.98 9.53 25.81
CA LEU D 111 3.18 10.12 25.21
C LEU D 111 4.21 10.55 26.26
N ARG D 112 3.71 11.03 27.41
CA ARG D 112 4.56 11.49 28.49
C ARG D 112 5.26 10.33 29.18
N ALA D 113 4.54 9.21 29.29
CA ALA D 113 5.05 8.03 29.98
C ALA D 113 6.23 7.41 29.23
N LEU D 114 6.32 7.70 27.94
CA LEU D 114 7.46 7.24 27.15
C LEU D 114 8.66 8.13 27.37
N ARG D 115 8.52 9.40 27.02
CA ARG D 115 9.64 10.33 27.05
C ARG D 115 10.17 10.65 28.44
N GLU D 116 9.49 10.19 29.49
CA GLU D 116 9.97 10.47 30.84
C GLU D 116 9.42 9.50 31.89
N HIS D 117 9.66 9.83 33.15
CA HIS D 117 9.23 9.01 34.26
C HIS D 117 7.91 9.53 34.81
N VAL D 118 7.03 8.61 35.18
CA VAL D 118 5.73 8.98 35.73
C VAL D 118 5.44 8.13 36.95
N THR D 119 4.76 8.72 37.94
CA THR D 119 4.44 8.01 39.17
C THR D 119 3.19 7.16 39.02
N ILE D 120 3.05 6.17 39.91
CA ILE D 120 1.81 5.40 40.00
C ILE D 120 0.69 6.37 40.28
N GLU D 121 0.94 7.31 41.18
CA GLU D 121 -0.09 8.26 41.58
C GLU D 121 -0.55 9.10 40.38
N GLU D 122 0.40 9.54 39.57
CA GLU D 122 0.04 10.30 38.38
C GLU D 122 -0.88 9.49 37.48
N ALA D 123 -0.68 8.17 37.47
CA ALA D 123 -1.47 7.27 36.63
C ALA D 123 -2.91 7.10 37.13
N GLU D 124 -3.08 6.82 38.41
CA GLU D 124 -4.43 6.71 38.96
C GLU D 124 -5.21 8.02 38.82
N HIS D 125 -4.52 9.14 38.96
CA HIS D 125 -5.16 10.44 38.72
C HIS D 125 -5.71 10.53 37.30
N VAL D 126 -4.88 10.17 36.32
CA VAL D 126 -5.28 10.20 34.93
C VAL D 126 -6.42 9.21 34.67
N ALA D 127 -6.34 8.03 35.28
CA ALA D 127 -7.37 7.00 35.13
C ALA D 127 -8.76 7.49 35.55
N ARG D 128 -8.82 8.17 36.70
CA ARG D 128 -10.08 8.62 37.25
C ARG D 128 -10.61 9.78 36.41
N LYS D 129 -9.71 10.64 35.95
CA LYS D 129 -10.10 11.79 35.13
C LYS D 129 -10.73 11.39 33.81
N VAL D 130 -10.28 10.27 33.23
CA VAL D 130 -10.81 9.83 31.94
C VAL D 130 -11.83 8.70 32.08
N ASN D 131 -12.24 8.41 33.31
CA ASN D 131 -13.28 7.40 33.56
C ASN D 131 -12.83 6.01 33.12
N ALA D 132 -11.56 5.69 33.29
CA ALA D 132 -11.12 4.34 33.00
C ALA D 132 -11.43 3.49 34.22
N GLU D 133 -11.76 2.22 34.00
CA GLU D 133 -11.87 1.31 35.13
C GLU D 133 -10.57 0.54 35.34
N VAL D 134 -9.93 0.77 36.48
CA VAL D 134 -8.73 0.02 36.84
C VAL D 134 -9.07 -1.18 37.71
N TYR D 135 -9.00 -2.37 37.13
CA TYR D 135 -9.27 -3.59 37.87
C TYR D 135 -7.97 -4.09 38.52
N LYS D 136 -8.03 -4.37 39.82
CA LYS D 136 -6.83 -4.70 40.59
C LYS D 136 -5.92 -3.49 40.78
N ARG D 141 3.70 -1.01 39.92
CA ARG D 141 2.90 -1.29 38.72
C ARG D 141 2.97 -0.13 37.72
N GLY D 142 2.47 -0.34 36.51
CA GLY D 142 1.76 -1.56 36.14
C GLY D 142 0.43 -1.13 35.56
N ILE D 143 -0.19 -0.19 36.26
CA ILE D 143 -1.35 0.52 35.75
C ILE D 143 -0.84 1.60 34.79
N ILE D 144 0.29 2.21 35.15
CA ILE D 144 0.96 3.13 34.23
C ILE D 144 1.06 2.50 32.83
N GLY D 145 1.42 1.22 32.80
CA GLY D 145 1.61 0.52 31.54
C GLY D 145 0.31 0.26 30.79
N GLY D 146 -0.68 -0.27 31.51
CA GLY D 146 -1.98 -0.49 30.91
C GLY D 146 -2.55 0.79 30.32
N LEU D 147 -2.54 1.86 31.11
CA LEU D 147 -3.09 3.14 30.66
C LEU D 147 -2.32 3.65 29.45
N ALA D 148 -1.00 3.64 29.55
CA ALA D 148 -0.16 4.14 28.47
C ALA D 148 -0.38 3.31 27.22
N ALA D 149 -0.66 2.03 27.39
CA ALA D 149 -0.89 1.19 26.24
C ALA D 149 -2.17 1.61 25.55
N ILE D 150 -3.23 1.82 26.33
CA ILE D 150 -4.52 2.16 25.75
C ILE D 150 -4.42 3.49 25.02
N GLY D 151 -3.72 4.44 25.60
CA GLY D 151 -3.70 5.79 25.07
C GLY D 151 -2.67 6.11 24.01
N TYR D 152 -1.79 5.16 23.68
CA TYR D 152 -0.68 5.44 22.77
C TYR D 152 -1.11 5.59 21.31
N PRO D 153 -0.79 6.74 20.73
CA PRO D 153 -1.07 7.03 19.32
C PRO D 153 0.01 6.40 18.45
N LEU D 154 -0.29 5.27 17.83
CA LEU D 154 0.69 4.65 16.94
C LEU D 154 0.48 5.04 15.48
N GLU D 155 0.84 6.29 15.26
CA GLU D 155 0.98 6.85 13.95
C GLU D 155 2.24 6.22 13.31
N LYS D 156 3.28 6.01 14.12
CA LYS D 156 4.45 5.28 13.68
C LYS D 156 4.55 3.97 14.46
N PHE D 157 4.76 2.86 13.78
CA PHE D 157 4.75 1.60 14.48
C PHE D 157 5.51 0.64 13.61
N THR D 158 5.81 -0.52 14.16
CA THR D 158 6.25 -1.62 13.34
C THR D 158 5.35 -2.82 13.57
N TYR D 159 5.36 -3.78 12.66
CA TYR D 159 4.68 -5.02 12.93
C TYR D 159 5.61 -5.97 13.68
N GLU D 160 5.08 -6.64 14.69
CA GLU D 160 5.83 -7.65 15.42
C GLU D 160 5.02 -8.94 15.48
N LEU D 161 5.47 -9.95 14.75
CA LEU D 161 4.81 -11.24 14.73
C LEU D 161 5.49 -12.17 15.74
N LEU D 162 4.70 -12.70 16.67
CA LEU D 162 5.25 -13.52 17.74
C LEU D 162 4.61 -14.90 17.72
N ALA D 163 5.44 -15.93 17.71
CA ALA D 163 4.96 -17.32 17.77
C ALA D 163 5.13 -17.89 19.16
N TYR D 164 4.10 -18.56 19.65
CA TYR D 164 4.10 -18.99 21.05
C TYR D 164 4.18 -20.48 21.20
N ARG D 165 5.02 -20.92 22.14
CA ARG D 165 5.18 -22.32 22.46
C ARG D 165 4.03 -22.85 23.30
N LYS D 166 3.66 -24.12 23.10
CA LYS D 166 2.82 -24.86 24.05
C LYS D 166 3.50 -24.92 25.40
N ARG D 167 2.71 -24.86 26.47
CA ARG D 167 3.26 -24.85 27.83
C ARG D 167 4.20 -26.01 28.09
N GLU D 168 3.91 -27.17 27.50
CA GLU D 168 4.70 -28.36 27.79
C GLU D 168 6.13 -28.16 27.29
N TYR D 169 6.33 -27.20 26.39
CA TYR D 169 7.64 -26.92 25.84
C TYR D 169 8.36 -25.74 26.48
N TRP D 170 7.67 -24.98 27.33
CA TRP D 170 8.30 -23.82 27.96
C TRP D 170 9.52 -24.26 28.75
N GLY D 171 10.60 -23.50 28.66
CA GLY D 171 11.79 -23.82 29.41
C GLY D 171 12.55 -25.01 28.86
N THR D 172 12.14 -25.52 27.70
CA THR D 172 12.91 -26.57 27.05
C THR D 172 13.65 -25.96 25.88
N PRO D 173 14.71 -26.64 25.40
CA PRO D 173 15.48 -26.15 24.26
C PRO D 173 14.61 -25.86 23.04
N ARG D 174 14.87 -24.72 22.41
CA ARG D 174 14.05 -24.26 21.30
C ARG D 174 14.24 -25.08 20.02
N ARG D 175 13.12 -25.40 19.37
CA ARG D 175 13.13 -26.19 18.14
C ARG D 175 12.93 -25.29 16.93
N VAL D 176 13.97 -24.55 16.57
CA VAL D 176 13.88 -23.61 15.47
C VAL D 176 15.20 -23.58 14.71
N ILE D 177 15.11 -23.55 13.39
CA ILE D 177 16.27 -23.43 12.54
C ILE D 177 16.19 -22.14 11.72
N LYS D 178 17.26 -21.35 11.80
CA LYS D 178 17.37 -20.16 10.97
C LYS D 178 17.94 -20.56 9.62
N GLU D 179 17.16 -20.29 8.58
CA GLU D 179 17.56 -20.60 7.22
C GLU D 179 18.06 -19.33 6.55
N SER D 180 19.34 -19.32 6.16
CA SER D 180 19.90 -18.15 5.51
C SER D 180 19.50 -18.10 4.03
N VAL D 181 18.62 -17.18 3.68
CA VAL D 181 18.13 -17.09 2.33
C VAL D 181 18.15 -15.64 1.82
N PHE D 182 18.02 -15.50 0.51
CA PHE D 182 17.73 -14.21 -0.09
C PHE D 182 16.22 -14.04 -0.08
N TYR D 183 15.76 -12.80 0.09
CA TYR D 183 14.34 -12.48 0.02
C TYR D 183 14.06 -11.64 -1.24
N ALA D 184 12.80 -11.55 -1.63
CA ALA D 184 12.42 -10.73 -2.77
C ALA D 184 12.22 -9.27 -2.38
N ASP D 185 12.89 -8.36 -3.07
CA ASP D 185 12.76 -6.92 -2.80
C ASP D 185 12.67 -6.13 -4.09
N LYS D 186 11.64 -5.28 -4.18
CA LYS D 186 11.43 -4.48 -5.38
C LYS D 186 12.58 -3.55 -5.70
N TRP D 187 13.09 -2.87 -4.68
CA TRP D 187 14.12 -1.84 -4.92
C TRP D 187 15.37 -2.39 -5.62
N SER D 188 15.67 -3.67 -5.43
CA SER D 188 16.91 -4.25 -5.97
C SER D 188 16.74 -4.75 -7.40
N TYR D 189 15.55 -4.63 -7.95
CA TYR D 189 15.35 -5.12 -9.30
C TYR D 189 16.41 -4.62 -10.30
N PRO D 190 16.79 -3.34 -10.22
CA PRO D 190 17.74 -2.86 -11.24
C PRO D 190 19.21 -3.02 -10.86
N PHE D 191 19.51 -3.65 -9.73
CA PHE D 191 20.89 -3.91 -9.33
C PHE D 191 21.33 -5.30 -9.75
N THR D 192 22.65 -5.55 -9.75
CA THR D 192 23.16 -6.86 -10.08
C THR D 192 22.86 -7.82 -8.95
N TYR D 193 23.06 -9.10 -9.24
CA TYR D 193 22.86 -10.17 -8.27
C TYR D 193 23.67 -9.97 -6.98
N ASP D 194 24.90 -9.49 -7.09
CA ASP D 194 25.75 -9.37 -5.91
C ASP D 194 25.49 -8.08 -5.11
N ASN D 195 24.40 -7.39 -5.42
CA ASN D 195 24.04 -6.16 -4.72
C ASN D 195 24.04 -6.29 -3.21
N VAL D 196 24.44 -5.22 -2.52
CA VAL D 196 24.44 -5.18 -1.06
C VAL D 196 23.17 -4.58 -0.48
N ASP D 197 22.64 -5.18 0.57
CA ASP D 197 21.46 -4.64 1.24
C ASP D 197 21.92 -3.64 2.29
N PRO D 198 21.65 -2.34 2.07
CA PRO D 198 22.14 -1.30 2.98
C PRO D 198 21.49 -1.28 4.38
N TYR D 199 20.20 -1.55 4.49
CA TYR D 199 19.54 -1.67 5.80
C TYR D 199 18.88 -3.03 6.02
N LYS D 200 18.83 -3.46 7.27
CA LYS D 200 18.00 -4.60 7.62
C LYS D 200 16.73 -4.06 8.28
N ARG D 201 15.66 -3.95 7.50
CA ARG D 201 14.38 -3.41 7.99
C ARG D 201 13.56 -4.47 8.74
N THR D 202 13.83 -5.75 8.45
CA THR D 202 13.13 -6.86 9.09
C THR D 202 14.12 -7.70 9.88
N VAL D 203 13.81 -7.92 11.16
CA VAL D 203 14.72 -8.60 12.05
C VAL D 203 14.02 -9.71 12.81
N LEU D 204 14.81 -10.73 13.15
CA LEU D 204 14.34 -11.87 13.93
C LEU D 204 14.39 -11.58 15.40
N ILE D 205 13.39 -12.08 16.12
CA ILE D 205 13.42 -12.07 17.57
C ILE D 205 13.69 -13.51 18.07
N THR D 206 14.76 -13.69 18.82
CA THR D 206 15.11 -15.02 19.30
C THR D 206 15.33 -15.02 20.81
N PRO D 207 14.26 -15.27 21.57
CA PRO D 207 14.37 -15.31 23.02
C PRO D 207 15.06 -16.58 23.46
N HIS D 208 15.41 -16.66 24.74
CA HIS D 208 15.89 -17.91 25.33
C HIS D 208 15.24 -18.12 26.70
N GLY D 209 15.51 -19.26 27.32
CA GLY D 209 14.95 -19.54 28.61
C GLY D 209 13.44 -19.71 28.59
N LYS D 210 12.80 -19.41 29.72
CA LYS D 210 11.41 -19.76 30.00
C LYS D 210 10.39 -19.00 29.17
N ASP D 211 10.79 -17.86 28.63
CA ASP D 211 9.93 -17.08 27.74
C ASP D 211 9.10 -18.03 26.88
N PRO D 212 7.78 -17.86 26.88
CA PRO D 212 6.87 -18.66 26.03
C PRO D 212 6.91 -18.30 24.53
N VAL D 213 7.64 -17.25 24.18
CA VAL D 213 7.78 -16.93 22.77
C VAL D 213 8.76 -17.94 22.17
N LEU D 214 8.34 -18.64 21.12
CA LEU D 214 9.24 -19.52 20.40
C LEU D 214 10.23 -18.68 19.60
N VAL D 215 9.67 -17.84 18.71
CA VAL D 215 10.43 -16.92 17.89
C VAL D 215 9.54 -15.74 17.43
N GLY D 216 10.15 -14.66 16.94
CA GLY D 216 9.40 -13.49 16.54
C GLY D 216 10.04 -12.72 15.42
N ILE D 217 9.24 -11.90 14.76
CA ILE D 217 9.71 -11.11 13.62
C ILE D 217 9.22 -9.69 13.73
N ARG D 218 10.12 -8.74 13.52
CA ARG D 218 9.75 -7.34 13.54
C ARG D 218 10.14 -6.66 12.23
N GLY D 219 9.18 -6.02 11.57
CA GLY D 219 9.47 -5.33 10.34
C GLY D 219 8.42 -4.30 10.05
N ILE D 220 8.50 -3.63 8.91
CA ILE D 220 7.55 -2.57 8.60
C ILE D 220 6.59 -2.99 7.49
N ASP D 221 6.84 -4.13 6.87
CA ASP D 221 6.04 -4.57 5.74
C ASP D 221 5.54 -5.99 6.00
N VAL D 222 4.23 -6.17 6.04
CA VAL D 222 3.68 -7.49 6.34
C VAL D 222 4.04 -8.50 5.26
N GLY D 223 4.17 -8.02 4.02
CA GLY D 223 4.67 -8.85 2.93
C GLY D 223 6.04 -9.43 3.27
N LYS D 224 6.93 -8.58 3.74
CA LYS D 224 8.31 -8.99 4.06
C LYS D 224 8.33 -9.87 5.33
N ILE D 225 7.40 -9.60 6.25
CA ILE D 225 7.21 -10.42 7.45
C ILE D 225 6.88 -11.84 7.05
N LEU D 226 5.91 -12.00 6.16
CA LEU D 226 5.49 -13.31 5.66
C LEU D 226 6.61 -14.09 4.99
N GLN D 227 7.32 -13.43 4.07
CA GLN D 227 8.51 -14.01 3.43
C GLN D 227 9.44 -14.62 4.47
N VAL D 228 9.72 -13.85 5.52
CA VAL D 228 10.64 -14.29 6.56
C VAL D 228 10.04 -15.42 7.38
N PHE D 229 8.76 -15.25 7.76
CA PHE D 229 8.03 -16.22 8.57
C PHE D 229 7.96 -17.60 7.89
N GLU D 230 7.71 -17.61 6.59
CA GLU D 230 7.54 -18.87 5.87
C GLU D 230 8.86 -19.63 5.77
N MSE D 231 9.96 -18.91 5.82
CA MSE D 231 11.26 -19.57 5.71
C MSE D 231 11.77 -20.10 7.04
O MSE D 231 12.69 -20.88 7.07
CB MSE D 231 12.30 -18.62 5.09
CG MSE D 231 11.97 -18.29 3.66
SE MSE D 231 12.29 -19.84 2.51
CE MSE D 231 12.11 -18.93 0.80
N ILE D 232 11.20 -19.64 8.16
CA ILE D 232 11.64 -20.15 9.45
C ILE D 232 11.27 -21.64 9.59
N LYS D 233 12.26 -22.45 9.96
CA LYS D 233 12.02 -23.88 10.08
C LYS D 233 11.62 -24.18 11.52
N ILE D 234 10.35 -24.50 11.72
CA ILE D 234 9.81 -24.72 13.06
C ILE D 234 9.62 -26.21 13.34
N GLU D 235 10.39 -26.72 14.28
CA GLU D 235 10.46 -28.15 14.52
C GLU D 235 9.66 -28.59 15.75
N GLU D 236 8.87 -27.67 16.31
CA GLU D 236 7.94 -28.01 17.38
C GLU D 236 6.55 -27.44 17.10
N PRO D 237 5.52 -28.13 17.63
CA PRO D 237 4.14 -27.66 17.50
C PRO D 237 3.92 -26.38 18.30
N ILE D 238 3.57 -25.28 17.65
CA ILE D 238 3.34 -24.03 18.36
C ILE D 238 1.88 -23.86 18.77
N GLU D 239 1.66 -23.12 19.84
CA GLU D 239 0.33 -22.95 20.37
C GLU D 239 -0.50 -22.11 19.40
N PHE D 240 0.06 -21.00 18.95
CA PHE D 240 -0.56 -20.09 17.99
C PHE D 240 0.41 -18.96 17.76
N PHE D 241 0.17 -18.14 16.75
CA PHE D 241 0.96 -16.94 16.62
C PHE D 241 0.07 -15.71 16.56
N GLN D 242 0.62 -14.58 16.98
CA GLN D 242 -0.12 -13.32 17.03
C GLN D 242 0.68 -12.17 16.42
N VAL D 243 0.03 -11.41 15.55
CA VAL D 243 0.62 -10.17 15.07
C VAL D 243 0.22 -8.99 15.93
N TYR D 244 1.23 -8.25 16.39
CA TYR D 244 1.09 -7.01 17.11
C TYR D 244 1.55 -5.82 16.28
N LYS D 245 1.02 -4.64 16.62
CA LYS D 245 1.68 -3.40 16.27
C LYS D 245 2.35 -2.84 17.52
N THR D 246 3.54 -2.27 17.33
CA THR D 246 4.34 -1.83 18.46
C THR D 246 5.03 -0.52 18.13
N ASN D 247 5.42 0.22 19.17
CA ASN D 247 6.08 1.50 19.03
C ASN D 247 7.57 1.33 18.73
N GLN D 248 8.04 0.11 18.89
CA GLN D 248 9.45 -0.19 18.73
C GLN D 248 9.88 -0.12 17.28
N ASN D 249 11.19 0.03 17.06
CA ASN D 249 11.75 0.04 15.73
C ASN D 249 12.73 -1.14 15.59
N THR D 250 13.32 -1.30 14.41
CA THR D 250 14.25 -2.42 14.18
C THR D 250 15.72 -2.02 14.35
S SO4 E . 1.81 -2.78 -11.13
O1 SO4 E . 2.78 -2.23 -10.19
O2 SO4 E . 2.13 -4.19 -11.38
O3 SO4 E . 0.47 -2.71 -10.51
O4 SO4 E . 1.81 -2.00 -12.37
S SO4 F . -15.06 19.71 -25.17
O1 SO4 F . -14.79 20.44 -23.93
O2 SO4 F . -14.57 18.34 -24.99
O3 SO4 F . -16.50 19.70 -25.42
O4 SO4 F . -14.34 20.32 -26.28
S SO4 G . -2.75 0.25 -15.44
O1 SO4 G . -1.29 0.29 -15.61
O2 SO4 G . -3.30 -1.07 -15.80
O3 SO4 G . -3.03 0.52 -14.03
O4 SO4 G . -3.37 1.24 -16.31
S SO4 H . 8.61 -2.22 -16.53
O1 SO4 H . 9.00 -3.49 -15.93
O2 SO4 H . 7.63 -2.47 -17.58
O3 SO4 H . 8.02 -1.32 -15.53
O4 SO4 H . 9.79 -1.60 -17.11
C1 CIT I . -19.52 13.86 -11.98
O1 CIT I . -20.58 14.21 -12.54
O2 CIT I . -18.77 14.74 -11.52
C2 CIT I . -19.17 12.40 -11.83
C3 CIT I . -19.09 11.73 -13.18
O7 CIT I . -20.25 12.13 -13.95
C4 CIT I . -17.83 12.21 -13.92
C5 CIT I . -18.13 13.24 -15.02
O3 CIT I . -18.01 12.95 -16.23
O4 CIT I . -18.51 14.41 -14.79
C6 CIT I . -19.07 10.21 -12.92
O5 CIT I . -18.21 9.65 -12.19
O6 CIT I . -19.96 9.47 -13.42
O1 MES J . -16.48 8.26 22.50
C2 MES J . -17.17 8.19 21.30
C3 MES J . -17.90 9.43 20.91
N4 MES J . -17.11 10.61 20.98
C5 MES J . -16.10 10.56 21.92
C6 MES J . -16.39 9.57 23.00
C7 MES J . -17.96 11.80 21.32
C8 MES J . -17.55 13.06 20.73
S MES J . -16.53 14.10 21.78
O1S MES J . -16.45 13.51 23.09
O2S MES J . -17.14 15.42 21.84
O3S MES J . -15.13 14.19 21.16
S SO4 K . 15.80 -6.64 -25.33
O1 SO4 K . 16.52 -6.05 -24.20
O2 SO4 K . 16.12 -8.06 -25.43
O3 SO4 K . 14.37 -6.46 -25.13
O4 SO4 K . 16.19 -5.94 -26.57
S SO4 L . -2.50 7.07 8.74
O1 SO4 L . -2.70 6.56 10.09
O2 SO4 L . -3.34 6.31 7.81
O3 SO4 L . -2.83 8.49 8.69
O4 SO4 L . -1.08 6.91 8.38
S SO4 M . 30.42 18.24 -14.26
O1 SO4 M . 30.21 19.33 -13.30
O2 SO4 M . 30.76 17.01 -13.53
O3 SO4 M . 29.20 18.00 -15.01
O4 SO4 M . 31.51 18.60 -15.18
S SO4 N . 8.24 34.35 -2.90
O1 SO4 N . 8.41 33.56 -1.67
O2 SO4 N . 7.66 33.47 -3.91
O3 SO4 N . 7.34 35.47 -2.65
O4 SO4 N . 9.54 34.86 -3.32
S SO4 O . 0.87 13.22 8.77
O1 SO4 O . 1.88 12.64 9.65
O2 SO4 O . 0.75 12.41 7.57
O3 SO4 O . -0.42 13.22 9.48
O4 SO4 O . 1.23 14.59 8.43
C1 CIT P . 13.14 23.18 -4.02
O1 CIT P . 12.51 23.92 -3.23
O2 CIT P . 13.69 23.73 -5.00
C2 CIT P . 13.24 21.68 -3.78
C3 CIT P . 14.57 21.14 -4.26
O7 CIT P . 15.59 21.79 -3.47
C4 CIT P . 14.69 19.64 -4.06
C5 CIT P . 14.80 19.34 -2.58
O3 CIT P . 14.09 18.44 -2.08
O4 CIT P . 15.59 19.97 -1.84
C6 CIT P . 14.81 21.43 -5.74
O5 CIT P . 15.81 22.08 -6.13
O6 CIT P . 14.00 21.02 -6.59
S SO4 Q . -10.61 -34.80 5.47
O1 SO4 Q . -10.82 -33.38 5.78
O2 SO4 Q . -9.18 -35.07 5.39
O3 SO4 Q . -11.18 -35.61 6.55
O4 SO4 Q . -11.24 -35.15 4.20
S SO4 R . -2.47 -32.07 -27.44
O1 SO4 R . -2.26 -33.45 -26.98
O2 SO4 R . -1.59 -31.83 -28.58
O3 SO4 R . -3.87 -31.90 -27.84
O4 SO4 R . -2.16 -31.14 -26.36
C ACY S . -9.64 -2.28 4.83
O ACY S . -10.13 -3.43 4.69
OXT ACY S . -10.19 -1.29 4.27
CH3 ACY S . -8.31 -2.12 5.50
S SO4 T . 17.04 -22.02 24.20
O1 SO4 T . 16.80 -21.49 25.55
O2 SO4 T . 18.11 -23.00 24.27
O3 SO4 T . 15.83 -22.66 23.69
O4 SO4 T . 17.41 -20.94 23.29
S SO4 U . 11.03 -3.69 -1.05
O1 SO4 U . 10.54 -2.90 0.09
O2 SO4 U . 11.93 -4.72 -0.50
O3 SO4 U . 9.90 -4.30 -1.77
O4 SO4 U . 11.73 -2.82 -1.99
S SO4 V . 14.65 -6.23 4.66
O1 SO4 V . 15.01 -7.23 5.67
O2 SO4 V . 14.73 -6.83 3.32
O3 SO4 V . 13.27 -5.76 4.86
O4 SO4 V . 15.58 -5.11 4.76
C1 CIT W . 9.25 -7.65 22.69
O1 CIT W . 8.65 -7.26 23.72
O2 CIT W . 9.13 -6.99 21.64
C2 CIT W . 10.10 -8.90 22.74
C3 CIT W . 9.45 -9.86 23.72
O7 CIT W . 9.58 -9.25 25.03
C4 CIT W . 7.98 -10.04 23.40
C5 CIT W . 7.22 -10.47 24.62
O3 CIT W . 6.28 -11.28 24.51
O4 CIT W . 7.52 -10.05 25.77
C6 CIT W . 10.14 -11.23 23.70
O5 CIT W . 9.79 -12.13 24.48
O6 CIT W . 11.07 -11.46 22.91
#